data_7UYV
#
_entry.id   7UYV
#
_cell.length_a   57.074
_cell.length_b   114.166
_cell.length_c   106.086
_cell.angle_alpha   90.000
_cell.angle_beta   97.540
_cell.angle_gamma   90.000
#
_symmetry.space_group_name_H-M   'P 1 21 1'
#
loop_
_entity.id
_entity.type
_entity.pdbx_description
1 polymer 'Tyrosine-protein kinase JAK3'
2 non-polymer 6-{[(2M)-2-(2-chloro-6-fluorophenyl)-5-oxo-5H-pyrrolo[3,4-b]pyridin-4-yl]amino}-N-ethylpyridine-3-carboxamide
3 non-polymer 'CHLORIDE ION'
4 water water
#
_entity_poly.entity_id   1
_entity_poly.type   'polypeptide(L)'
_entity_poly.pdbx_seq_one_letter_code
;ACQDPTIFEERHLKYISQLGKGNFGSVELCRYDPLGDNTGALVAVKQLQHSGPDQQRDFQREIQILKALHSDFIVKYRGV
SYGPGRQSLRLVMEYLPSGCLRDFLQRHRARLDASRLLLYSSQICKGMEYLGSRRCVHRDLAARNILVESEAHVKIADFG
LAKLLPLDKD(PTR)(PTR)VVREPGQSPIFWYAPESLSDNIFSRQSDVWSFGVVLYELFTYCDKSCSPSAEFLRMMGSE
RDVPALSRLLELLEEGQRLPAPPACPAEVHELMKLCWAPSPQDRPSFSALGPQLDMLWS
;
_entity_poly.pdbx_strand_id   A,B,C,D
#
loop_
_chem_comp.id
_chem_comp.type
_chem_comp.name
_chem_comp.formula
CL non-polymer 'CHLORIDE ION' 'Cl -1'
OV5 non-polymer 6-{[(2M)-2-(2-chloro-6-fluorophenyl)-5-oxo-5H-pyrrolo[3,4-b]pyridin-4-yl]amino}-N-ethylpyridine-3-carboxamide 'C21 H15 Cl F N5 O2'
#
# COMPACT_ATOMS: atom_id res chain seq x y z
N PRO A 5 16.69 30.31 30.09
CA PRO A 5 16.31 28.93 30.39
C PRO A 5 17.52 28.06 30.73
N THR A 6 18.47 28.01 29.80
CA THR A 6 19.76 27.34 29.96
C THR A 6 20.89 28.39 30.13
N ILE A 7 20.52 29.63 30.43
CA ILE A 7 21.46 30.69 30.79
C ILE A 7 21.29 30.92 32.29
N PHE A 8 22.37 30.70 33.04
CA PHE A 8 22.34 30.78 34.50
C PHE A 8 23.02 32.07 34.94
N GLU A 9 22.32 32.85 35.77
CA GLU A 9 22.81 34.15 36.22
C GLU A 9 23.86 33.96 37.33
N GLU A 10 25.04 34.56 37.13
CA GLU A 10 26.16 34.50 38.09
C GLU A 10 25.75 34.86 39.53
N ARG A 11 24.95 35.91 39.67
CA ARG A 11 24.52 36.39 41.00
C ARG A 11 23.68 35.38 41.81
N HIS A 12 22.98 34.48 41.12
CA HIS A 12 22.17 33.43 41.75
C HIS A 12 22.90 32.10 41.99
N LEU A 13 24.10 31.93 41.43
CA LEU A 13 24.92 30.74 41.70
C LEU A 13 25.64 30.91 43.04
N LYS A 14 25.03 30.38 44.11
CA LYS A 14 25.62 30.42 45.45
C LYS A 14 26.65 29.31 45.58
N TYR A 15 27.91 29.69 45.75
CA TYR A 15 29.01 28.73 45.94
C TYR A 15 28.90 28.02 47.28
N ILE A 16 29.11 26.69 47.26
CA ILE A 16 29.08 25.86 48.46
C ILE A 16 30.48 25.33 48.74
N SER A 17 31.00 24.53 47.81
CA SER A 17 32.32 23.93 47.96
C SER A 17 32.90 23.46 46.64
N GLN A 18 34.17 23.08 46.67
N GLN A 18 34.17 23.08 46.66
CA GLN A 18 34.86 22.51 45.51
CA GLN A 18 34.86 22.52 45.49
C GLN A 18 34.57 21.02 45.43
C GLN A 18 34.59 21.02 45.42
N LEU A 19 34.33 20.52 44.22
CA LEU A 19 34.12 19.08 43.98
C LEU A 19 35.39 18.43 43.44
N GLY A 20 36.03 19.09 42.47
CA GLY A 20 37.33 18.66 41.96
C GLY A 20 38.18 19.80 41.43
N LYS A 21 39.49 19.55 41.35
CA LYS A 21 40.47 20.56 40.92
C LYS A 21 41.43 20.00 39.88
N GLY A 22 41.73 20.83 38.87
CA GLY A 22 42.70 20.51 37.83
C GLY A 22 43.75 21.60 37.74
N ASN A 23 44.71 21.40 36.83
CA ASN A 23 45.81 22.36 36.63
C ASN A 23 45.33 23.66 36.00
N PHE A 24 44.42 23.56 35.02
CA PHE A 24 43.86 24.72 34.31
C PHE A 24 42.34 24.90 34.52
N GLY A 25 41.76 24.15 35.46
CA GLY A 25 40.31 24.22 35.74
C GLY A 25 39.90 23.69 37.09
N SER A 26 38.61 23.84 37.40
CA SER A 26 38.01 23.31 38.62
C SER A 26 36.51 23.10 38.46
N VAL A 27 35.96 22.20 39.28
CA VAL A 27 34.51 21.94 39.34
C VAL A 27 34.04 22.28 40.76
N GLU A 28 33.00 23.12 40.85
CA GLU A 28 32.45 23.61 42.10
C GLU A 28 31.00 23.18 42.29
N LEU A 29 30.63 22.86 43.51
CA LEU A 29 29.24 22.62 43.91
C LEU A 29 28.60 23.98 44.23
N CYS A 30 27.50 24.29 43.54
CA CYS A 30 26.72 25.50 43.80
C CYS A 30 25.24 25.16 43.93
N ARG A 31 24.50 26.04 44.58
CA ARG A 31 23.05 26.03 44.52
C ARG A 31 22.64 27.22 43.66
N TYR A 32 21.93 26.95 42.57
CA TYR A 32 21.29 28.00 41.78
C TYR A 32 19.98 28.36 42.49
N ASP A 33 19.94 29.54 43.11
CA ASP A 33 18.86 29.91 44.03
C ASP A 33 18.29 31.31 43.74
N PRO A 34 17.50 31.45 42.65
CA PRO A 34 16.85 32.73 42.27
C PRO A 34 15.96 33.34 43.35
N LEU A 35 15.18 32.50 44.05
CA LEU A 35 14.29 32.94 45.13
C LEU A 35 15.04 33.42 46.37
N GLY A 36 16.19 32.80 46.63
CA GLY A 36 17.02 33.16 47.79
C GLY A 36 16.57 32.55 49.11
N ASP A 37 15.75 31.50 49.04
CA ASP A 37 15.22 30.80 50.23
C ASP A 37 15.86 29.40 50.43
N ASN A 38 16.97 29.15 49.74
CA ASN A 38 17.72 27.88 49.80
C ASN A 38 16.99 26.65 49.23
N THR A 39 15.92 26.87 48.46
CA THR A 39 15.13 25.77 47.87
C THR A 39 15.57 25.38 46.46
N GLY A 40 16.45 26.17 45.86
CA GLY A 40 16.92 25.95 44.49
C GLY A 40 17.78 24.70 44.34
N ALA A 41 17.98 24.27 43.11
CA ALA A 41 18.68 23.02 42.82
C ALA A 41 20.20 23.16 42.94
N LEU A 42 20.83 22.08 43.40
CA LEU A 42 22.28 21.97 43.40
C LEU A 42 22.77 21.65 41.98
N VAL A 43 23.84 22.32 41.57
CA VAL A 43 24.46 22.14 40.26
C VAL A 43 25.98 22.05 40.39
N ALA A 44 26.60 21.29 39.49
CA ALA A 44 28.06 21.21 39.38
C ALA A 44 28.48 22.19 38.29
N VAL A 45 29.42 23.07 38.60
CA VAL A 45 29.81 24.16 37.71
C VAL A 45 31.31 24.08 37.41
N LYS A 46 31.66 23.87 36.13
CA LYS A 46 33.06 23.84 35.70
C LYS A 46 33.49 25.21 35.19
N GLN A 47 34.74 25.58 35.50
CA GLN A 47 35.34 26.84 35.05
C GLN A 47 36.85 26.72 34.95
N LEU A 48 37.43 27.48 34.01
CA LEU A 48 38.88 27.54 33.87
C LEU A 48 39.47 28.60 34.81
N GLN A 49 40.67 28.32 35.32
CA GLN A 49 41.37 29.22 36.24
C GLN A 49 42.76 29.52 35.69
N HIS A 50 42.98 30.76 35.24
CA HIS A 50 44.26 31.22 34.69
C HIS A 50 44.75 30.33 33.52
N SER A 51 43.82 29.95 32.66
CA SER A 51 44.12 29.09 31.51
C SER A 51 44.73 29.88 30.36
N GLY A 52 45.23 29.14 29.36
CA GLY A 52 45.73 29.72 28.12
C GLY A 52 44.69 29.62 27.01
N PRO A 53 44.98 30.19 25.81
CA PRO A 53 44.13 30.07 24.62
C PRO A 53 43.70 28.64 24.25
N ASP A 54 44.66 27.70 24.26
CA ASP A 54 44.40 26.29 23.92
C ASP A 54 43.32 25.66 24.80
N GLN A 55 43.41 25.91 26.10
CA GLN A 55 42.44 25.36 27.07
C GLN A 55 41.04 25.97 26.95
N GLN A 56 40.96 27.26 26.66
N GLN A 56 40.97 27.27 26.66
CA GLN A 56 39.66 27.94 26.41
CA GLN A 56 39.71 27.98 26.39
C GLN A 56 38.96 27.39 25.17
C GLN A 56 38.97 27.41 25.17
N ARG A 57 39.72 27.15 24.10
CA ARG A 57 39.18 26.56 22.87
C ARG A 57 38.64 25.16 23.10
N ASP A 58 39.43 24.32 23.76
CA ASP A 58 38.99 22.97 24.20
C ASP A 58 37.72 23.02 25.04
N PHE A 59 37.67 23.96 25.99
CA PHE A 59 36.52 24.14 26.85
C PHE A 59 35.25 24.53 26.08
N GLN A 60 35.39 25.35 25.03
CA GLN A 60 34.26 25.67 24.16
C GLN A 60 33.74 24.45 23.39
N ARG A 61 34.65 23.58 22.95
CA ARG A 61 34.31 22.31 22.30
C ARG A 61 33.59 21.36 23.28
N GLU A 62 34.13 21.23 24.48
CA GLU A 62 33.57 20.36 25.53
C GLU A 62 32.12 20.72 25.84
N ILE A 63 31.86 22.02 25.99
CA ILE A 63 30.51 22.54 26.25
C ILE A 63 29.54 22.11 25.17
N GLN A 64 29.93 22.26 23.91
CA GLN A 64 29.07 21.91 22.77
C GLN A 64 28.89 20.39 22.62
N ILE A 65 29.95 19.62 22.89
CA ILE A 65 29.86 18.16 22.88
C ILE A 65 28.83 17.69 23.92
N LEU A 66 29.07 18.03 25.19
CA LEU A 66 28.16 17.64 26.29
C LEU A 66 26.72 18.14 26.09
N LYS A 67 26.56 19.35 25.58
CA LYS A 67 25.25 19.93 25.25
C LYS A 67 24.44 19.07 24.24
N ALA A 68 25.15 18.44 23.31
CA ALA A 68 24.53 17.63 22.25
C ALA A 68 24.29 16.17 22.63
N LEU A 69 24.98 15.66 23.66
CA LEU A 69 24.80 14.28 24.11
C LEU A 69 23.55 14.14 24.97
N HIS A 70 22.64 13.25 24.56
CA HIS A 70 21.42 12.94 25.30
C HIS A 70 21.35 11.43 25.55
N SER A 71 21.73 11.02 26.75
CA SER A 71 21.66 9.63 27.20
C SER A 71 21.40 9.58 28.70
N ASP A 72 20.74 8.53 29.17
CA ASP A 72 20.55 8.30 30.60
C ASP A 72 21.86 7.94 31.32
N PHE A 73 22.89 7.53 30.58
CA PHE A 73 24.16 7.11 31.16
C PHE A 73 25.32 8.09 30.89
N ILE A 74 24.96 9.36 30.64
CA ILE A 74 25.92 10.46 30.49
C ILE A 74 25.42 11.68 31.28
N VAL A 75 26.33 12.29 32.04
CA VAL A 75 25.99 13.44 32.89
C VAL A 75 25.31 14.54 32.05
N LYS A 76 24.26 15.11 32.64
CA LYS A 76 23.37 16.03 31.93
C LYS A 76 23.95 17.44 31.91
N TYR A 77 24.00 18.02 30.71
CA TYR A 77 24.24 19.45 30.53
C TYR A 77 23.00 20.21 30.95
N ARG A 78 23.17 21.24 31.77
N ARG A 78 23.17 21.25 31.76
CA ARG A 78 22.09 22.12 32.24
CA ARG A 78 22.05 22.12 32.19
C ARG A 78 22.10 23.47 31.50
C ARG A 78 22.09 23.50 31.54
N GLY A 79 23.27 24.08 31.41
CA GLY A 79 23.42 25.38 30.77
C GLY A 79 24.79 26.01 30.93
N VAL A 80 24.85 27.32 30.71
CA VAL A 80 26.07 28.10 30.89
C VAL A 80 25.84 29.37 31.71
N SER A 81 26.94 29.91 32.24
CA SER A 81 26.95 31.22 32.89
C SER A 81 28.13 32.02 32.33
N TYR A 82 27.88 33.30 32.04
CA TYR A 82 28.88 34.20 31.45
C TYR A 82 29.44 35.16 32.48
N GLN A 87 32.87 37.99 31.16
CA GLN A 87 34.31 37.85 31.32
C GLN A 87 34.79 36.40 31.20
N SER A 88 34.21 35.51 32.00
CA SER A 88 34.63 34.09 32.08
C SER A 88 33.44 33.13 31.98
N LEU A 89 33.55 32.18 31.04
CA LEU A 89 32.52 31.18 30.75
C LEU A 89 32.50 30.06 31.79
N ARG A 90 31.31 29.64 32.22
CA ARG A 90 31.14 28.53 33.18
C ARG A 90 30.13 27.49 32.67
N LEU A 91 30.48 26.21 32.77
CA LEU A 91 29.63 25.10 32.32
C LEU A 91 28.81 24.54 33.50
N VAL A 92 27.49 24.63 33.40
CA VAL A 92 26.57 24.16 34.45
C VAL A 92 26.05 22.76 34.09
N MET A 93 26.30 21.80 34.99
CA MET A 93 25.87 20.41 34.85
C MET A 93 24.90 20.08 35.99
N GLU A 94 24.16 18.99 35.86
CA GLU A 94 23.38 18.47 36.99
C GLU A 94 24.33 18.01 38.10
N TYR A 95 23.89 18.08 39.36
CA TYR A 95 24.68 17.59 40.49
C TYR A 95 24.23 16.19 40.91
N LEU A 96 25.18 15.25 40.94
CA LEU A 96 24.96 13.88 41.42
C LEU A 96 25.57 13.72 42.83
N PRO A 97 24.75 13.88 43.91
CA PRO A 97 25.27 13.92 45.28
C PRO A 97 26.02 12.71 45.81
N SER A 98 25.80 11.53 45.22
CA SER A 98 26.50 10.31 45.66
C SER A 98 27.99 10.23 45.25
N GLY A 99 28.42 11.12 44.35
CA GLY A 99 29.83 11.24 43.98
C GLY A 99 30.27 10.26 42.93
N CYS A 100 31.59 10.10 42.79
CA CYS A 100 32.14 9.25 41.73
C CYS A 100 32.12 7.78 42.14
N LEU A 101 32.17 6.92 41.15
CA LEU A 101 32.00 5.48 41.34
C LEU A 101 33.17 4.85 42.08
N ARG A 102 34.37 5.40 41.86
CA ARG A 102 35.61 4.93 42.53
C ARG A 102 35.47 5.00 44.05
N ASP A 103 35.12 6.17 44.57
CA ASP A 103 34.91 6.35 46.01
C ASP A 103 33.72 5.55 46.53
N PHE A 104 32.67 5.46 45.71
CA PHE A 104 31.41 4.78 46.08
C PHE A 104 31.60 3.28 46.30
N LEU A 105 32.33 2.63 45.41
CA LEU A 105 32.65 1.20 45.52
C LEU A 105 33.46 0.87 46.76
N GLN A 106 34.44 1.72 47.06
CA GLN A 106 35.28 1.57 48.25
C GLN A 106 34.48 1.77 49.53
N ARG A 107 33.59 2.76 49.52
CA ARG A 107 32.79 3.11 50.69
C ARG A 107 31.71 2.07 50.99
N HIS A 108 31.03 1.59 49.94
CA HIS A 108 29.85 0.72 50.09
C HIS A 108 30.07 -0.75 49.64
N ARG A 109 31.33 -1.21 49.65
CA ARG A 109 31.71 -2.56 49.19
C ARG A 109 30.88 -3.70 49.81
N ALA A 110 30.68 -3.64 51.12
CA ALA A 110 29.92 -4.67 51.85
C ALA A 110 28.44 -4.75 51.42
N ARG A 111 27.89 -3.63 50.95
CA ARG A 111 26.51 -3.55 50.50
C ARG A 111 26.29 -3.99 49.04
N LEU A 112 27.34 -3.88 48.21
CA LEU A 112 27.23 -4.10 46.74
C LEU A 112 27.80 -5.47 46.33
N ASP A 113 27.02 -6.23 45.55
CA ASP A 113 27.40 -7.59 45.10
C ASP A 113 27.80 -7.59 43.62
N ALA A 114 28.11 -8.78 43.09
CA ALA A 114 28.55 -8.92 41.68
C ALA A 114 27.49 -8.55 40.65
N SER A 115 26.22 -8.79 40.96
CA SER A 115 25.11 -8.40 40.08
C SER A 115 24.94 -6.89 39.95
N ARG A 116 25.18 -6.18 41.04
CA ARG A 116 25.22 -4.71 41.00
C ARG A 116 26.37 -4.21 40.13
N LEU A 117 27.55 -4.81 40.27
CA LEU A 117 28.73 -4.41 39.46
C LEU A 117 28.52 -4.63 37.97
N LEU A 118 27.84 -5.73 37.62
CA LEU A 118 27.46 -6.01 36.24
C LEU A 118 26.38 -5.06 35.71
N LEU A 119 25.48 -4.61 36.60
CA LEU A 119 24.53 -3.53 36.26
C LEU A 119 25.26 -2.23 35.91
N TYR A 120 26.28 -1.87 36.70
CA TYR A 120 27.10 -0.68 36.41
C TYR A 120 27.87 -0.83 35.09
N SER A 121 28.47 -2.00 34.89
CA SER A 121 29.15 -2.36 33.65
C SER A 121 28.26 -2.21 32.41
N SER A 122 27.04 -2.72 32.51
CA SER A 122 26.03 -2.65 31.44
C SER A 122 25.65 -1.21 31.08
N GLN A 123 25.45 -0.39 32.11
CA GLN A 123 25.11 1.02 31.95
C GLN A 123 26.25 1.87 31.38
N ILE A 124 27.49 1.60 31.83
CA ILE A 124 28.68 2.26 31.28
C ILE A 124 28.84 1.88 29.80
N CYS A 125 28.69 0.59 29.50
CA CYS A 125 28.71 0.08 28.11
C CYS A 125 27.68 0.76 27.21
N LYS A 126 26.45 0.87 27.70
CA LYS A 126 25.37 1.56 26.97
C LYS A 126 25.66 3.04 26.72
N GLY A 127 26.26 3.69 27.72
CA GLY A 127 26.71 5.08 27.58
C GLY A 127 27.77 5.22 26.51
N MET A 128 28.73 4.29 26.51
CA MET A 128 29.82 4.28 25.55
C MET A 128 29.40 3.90 24.15
N GLU A 129 28.44 2.98 24.04
CA GLU A 129 27.80 2.66 22.76
C GLU A 129 27.15 3.90 22.15
N TYR A 130 26.41 4.64 22.98
CA TYR A 130 25.81 5.91 22.55
C TYR A 130 26.88 6.94 22.14
N LEU A 131 27.95 7.04 22.91
N LEU A 131 27.94 7.01 22.92
CA LEU A 131 29.06 7.96 22.58
CA LEU A 131 29.07 7.91 22.65
C LEU A 131 29.71 7.64 21.24
C LEU A 131 29.70 7.63 21.27
N GLY A 132 29.93 6.35 20.98
CA GLY A 132 30.43 5.91 19.68
C GLY A 132 29.51 6.21 18.51
N SER A 133 28.20 6.15 18.74
CA SER A 133 27.21 6.53 17.73
C SER A 133 27.25 8.04 17.38
N ARG A 134 27.69 8.87 18.33
CA ARG A 134 27.95 10.30 18.10
C ARG A 134 29.39 10.59 17.64
N ARG A 135 30.14 9.55 17.25
CA ARG A 135 31.52 9.67 16.76
C ARG A 135 32.45 10.40 17.74
N CYS A 136 32.19 10.21 19.03
CA CYS A 136 32.89 10.89 20.11
C CYS A 136 33.76 9.89 20.85
N VAL A 137 35.03 10.25 21.07
CA VAL A 137 35.97 9.45 21.85
C VAL A 137 36.15 10.13 23.20
N HIS A 138 35.87 9.42 24.29
CA HIS A 138 35.96 9.99 25.65
C HIS A 138 37.40 10.30 26.08
N ARG A 139 38.33 9.39 25.77
CA ARG A 139 39.77 9.52 26.07
C ARG A 139 40.20 9.35 27.56
N ASP A 140 39.24 9.36 28.48
CA ASP A 140 39.54 9.29 29.92
C ASP A 140 38.44 8.51 30.66
N LEU A 141 38.08 7.35 30.08
CA LEU A 141 37.11 6.45 30.70
C LEU A 141 37.81 5.75 31.88
N ALA A 142 37.32 6.03 33.08
CA ALA A 142 37.89 5.51 34.33
C ALA A 142 36.87 5.67 35.45
N ALA A 143 36.97 4.84 36.48
CA ALA A 143 36.03 4.85 37.62
C ALA A 143 35.91 6.20 38.32
N ARG A 144 37.00 6.98 38.35
CA ARG A 144 37.00 8.36 38.87
C ARG A 144 36.08 9.32 38.08
N ASN A 145 35.92 9.05 36.78
CA ASN A 145 35.09 9.87 35.89
C ASN A 145 33.67 9.36 35.63
N ILE A 146 33.27 8.30 36.33
N ILE A 146 33.25 8.33 36.37
CA ILE A 146 31.90 7.80 36.35
CA ILE A 146 31.89 7.82 36.33
C ILE A 146 31.24 8.30 37.63
C ILE A 146 31.21 8.25 37.63
N LEU A 147 30.03 8.88 37.50
CA LEU A 147 29.27 9.39 38.63
C LEU A 147 28.13 8.45 39.02
N VAL A 148 27.77 8.47 40.30
CA VAL A 148 26.66 7.66 40.83
C VAL A 148 25.43 8.56 40.95
N GLU A 149 24.42 8.28 40.13
CA GLU A 149 23.10 8.94 40.17
C GLU A 149 22.27 8.41 41.34
N SER A 150 22.22 7.08 41.44
CA SER A 150 21.63 6.39 42.59
C SER A 150 22.35 5.06 42.75
N GLU A 151 21.97 4.27 43.74
CA GLU A 151 22.60 2.97 43.99
C GLU A 151 22.47 2.00 42.79
N ALA A 152 21.43 2.14 41.97
CA ALA A 152 21.24 1.31 40.77
C ALA A 152 21.41 2.06 39.44
N HIS A 153 22.12 3.20 39.44
CA HIS A 153 22.26 4.03 38.23
C HIS A 153 23.54 4.86 38.24
N VAL A 154 24.40 4.65 37.24
CA VAL A 154 25.61 5.46 37.05
C VAL A 154 25.60 6.20 35.71
N LYS A 155 26.37 7.30 35.66
CA LYS A 155 26.50 8.14 34.46
C LYS A 155 27.97 8.49 34.19
N ILE A 156 28.35 8.46 32.91
CA ILE A 156 29.70 8.85 32.49
C ILE A 156 29.82 10.37 32.57
N ALA A 157 30.96 10.84 33.07
CA ALA A 157 31.21 12.27 33.30
C ALA A 157 32.61 12.68 32.83
N ASP A 158 32.94 13.95 33.03
CA ASP A 158 34.26 14.53 32.74
C ASP A 158 34.63 14.40 31.26
N PHE A 159 34.04 15.27 30.44
CA PHE A 159 34.28 15.29 29.00
C PHE A 159 35.37 16.30 28.56
N GLY A 160 36.26 16.65 29.50
CA GLY A 160 37.35 17.58 29.27
C GLY A 160 38.37 17.18 28.21
N LEU A 161 38.63 15.87 28.10
CA LEU A 161 39.54 15.34 27.07
C LEU A 161 38.82 14.70 25.89
N ALA A 162 37.48 14.78 25.87
CA ALA A 162 36.67 14.15 24.81
C ALA A 162 36.86 14.87 23.49
N LYS A 163 36.91 14.08 22.41
CA LYS A 163 37.11 14.61 21.06
C LYS A 163 36.25 13.87 20.07
N LEU A 164 35.72 14.58 19.09
CA LEU A 164 34.96 13.99 18.00
C LEU A 164 35.92 13.49 16.93
N LEU A 165 35.62 12.33 16.36
CA LEU A 165 36.38 11.80 15.22
C LEU A 165 36.16 12.71 14.00
N PRO A 166 37.12 12.74 13.06
CA PRO A 166 36.81 13.37 11.77
C PRO A 166 35.69 12.62 11.06
N LEU A 167 34.88 13.33 10.28
CA LEU A 167 33.69 12.73 9.66
C LEU A 167 34.00 11.51 8.77
N ASP A 168 35.15 11.52 8.09
CA ASP A 168 35.57 10.43 7.19
C ASP A 168 36.71 9.53 7.74
N LYS A 169 36.99 9.60 9.04
CA LYS A 169 38.09 8.83 9.67
C LYS A 169 37.65 8.24 11.02
N ASP A 170 38.04 6.99 11.28
CA ASP A 170 37.71 6.29 12.54
C ASP A 170 38.75 6.44 13.66
N PTR A 171 39.79 7.24 13.44
CA PTR A 171 40.82 7.48 14.45
C PTR A 171 41.24 8.95 14.55
O PTR A 171 41.00 9.74 13.62
CB PTR A 171 42.06 6.61 14.24
CG PTR A 171 42.88 6.98 13.01
CD1 PTR A 171 42.41 6.68 11.72
CD2 PTR A 171 44.10 7.63 13.14
CE1 PTR A 171 43.16 7.01 10.60
CE2 PTR A 171 44.85 7.97 12.01
CZ PTR A 171 44.38 7.66 10.75
OH PTR A 171 45.05 7.94 9.75
P PTR A 171 45.20 9.47 9.25
O1P PTR A 171 46.23 10.14 10.10
O2P PTR A 171 43.86 10.22 9.39
O3P PTR A 171 45.67 9.48 7.78
N PTR A 172 41.87 9.29 15.67
CA PTR A 172 42.32 10.64 15.96
C PTR A 172 43.74 10.60 16.56
O PTR A 172 44.00 9.82 17.47
CB PTR A 172 41.38 11.29 16.98
CG PTR A 172 41.54 12.78 17.09
CD1 PTR A 172 42.35 13.36 18.08
CD2 PTR A 172 40.86 13.65 16.22
CE1 PTR A 172 42.49 14.73 18.18
CE2 PTR A 172 41.00 15.03 16.32
CZ PTR A 172 41.81 15.58 17.30
OH PTR A 172 41.88 16.81 17.35
P PTR A 172 43.19 17.70 17.71
O1P PTR A 172 44.46 17.04 17.13
O2P PTR A 172 43.31 17.81 19.24
O3P PTR A 172 43.02 19.05 17.12
N VAL A 173 44.63 11.44 16.04
CA VAL A 173 46.00 11.54 16.52
C VAL A 173 46.11 12.79 17.40
N VAL A 174 46.50 12.60 18.67
CA VAL A 174 46.74 13.70 19.60
C VAL A 174 48.18 14.17 19.44
N ARG A 175 48.36 15.48 19.21
CA ARG A 175 49.69 16.07 19.05
C ARG A 175 50.38 16.20 20.41
N GLU A 176 49.78 17.00 21.30
CA GLU A 176 50.30 17.22 22.65
C GLU A 176 49.59 16.27 23.63
N PRO A 177 50.31 15.25 24.15
CA PRO A 177 49.65 14.26 25.02
C PRO A 177 49.31 14.82 26.41
N GLY A 178 48.02 14.83 26.73
CA GLY A 178 47.53 15.34 28.02
C GLY A 178 47.86 14.40 29.17
N GLN A 179 48.53 14.93 30.20
CA GLN A 179 49.04 14.11 31.31
C GLN A 179 47.93 13.56 32.20
N SER A 180 47.36 12.44 31.75
CA SER A 180 46.46 11.60 32.56
C SER A 180 47.17 10.26 32.82
N PRO A 181 46.74 9.51 33.87
CA PRO A 181 47.35 8.22 34.20
C PRO A 181 47.53 7.25 33.02
N ILE A 182 48.74 6.72 32.87
CA ILE A 182 49.12 5.85 31.76
C ILE A 182 48.46 4.44 31.75
N PHE A 183 47.96 4.01 32.90
CA PHE A 183 47.51 2.62 33.10
C PHE A 183 46.09 2.33 32.57
N TRP A 184 45.45 3.33 31.98
CA TRP A 184 44.18 3.17 31.24
C TRP A 184 44.35 3.25 29.72
N TYR A 185 45.54 3.64 29.25
CA TYR A 185 45.79 3.86 27.82
C TYR A 185 46.04 2.56 27.04
N ALA A 186 45.51 2.51 25.82
CA ALA A 186 45.80 1.42 24.88
C ALA A 186 47.25 1.52 24.37
N PRO A 187 47.83 0.40 23.87
CA PRO A 187 49.19 0.38 23.32
C PRO A 187 49.49 1.45 22.26
N GLU A 188 48.60 1.58 21.28
CA GLU A 188 48.78 2.56 20.18
C GLU A 188 48.70 4.02 20.66
N SER A 189 47.90 4.28 21.70
CA SER A 189 47.85 5.59 22.35
C SER A 189 49.19 5.94 23.02
N LEU A 190 49.73 4.98 23.78
CA LEU A 190 51.04 5.14 24.42
C LEU A 190 52.18 5.29 23.41
N SER A 191 52.19 4.43 22.40
CA SER A 191 53.26 4.41 21.41
C SER A 191 53.18 5.58 20.42
N ASP A 192 51.99 5.82 19.88
CA ASP A 192 51.80 6.74 18.74
C ASP A 192 50.72 7.82 18.92
N ASN A 193 50.20 7.99 20.14
CA ASN A 193 49.15 8.98 20.45
C ASN A 193 47.85 8.82 19.63
N ILE A 194 47.54 7.59 19.25
CA ILE A 194 46.34 7.28 18.45
C ILE A 194 45.19 6.99 19.40
N PHE A 195 44.07 7.69 19.19
CA PHE A 195 42.86 7.47 19.98
C PHE A 195 41.68 7.19 19.08
N SER A 196 40.77 6.37 19.57
CA SER A 196 39.58 5.95 18.81
C SER A 196 38.56 5.35 19.76
N ARG A 197 37.43 4.91 19.20
CA ARG A 197 36.44 4.13 19.95
C ARG A 197 37.03 2.84 20.51
N GLN A 198 37.99 2.28 19.77
CA GLN A 198 38.65 1.03 20.13
C GLN A 198 39.60 1.22 21.31
N SER A 199 40.25 2.39 21.39
CA SER A 199 41.06 2.74 22.57
C SER A 199 40.19 2.98 23.81
N ASP A 200 38.98 3.52 23.62
CA ASP A 200 37.99 3.58 24.71
C ASP A 200 37.60 2.18 25.20
N VAL A 201 37.49 1.21 24.27
CA VAL A 201 37.17 -0.19 24.60
C VAL A 201 38.25 -0.79 25.49
N TRP A 202 39.52 -0.52 25.18
CA TRP A 202 40.64 -0.88 26.06
C TRP A 202 40.41 -0.32 27.47
N SER A 203 40.14 0.98 27.56
CA SER A 203 39.89 1.65 28.85
C SER A 203 38.69 1.05 29.61
N PHE A 204 37.62 0.71 28.90
CA PHE A 204 36.48 -0.01 29.49
C PHE A 204 36.90 -1.33 30.16
N GLY A 205 37.82 -2.05 29.54
CA GLY A 205 38.42 -3.25 30.13
C GLY A 205 39.06 -2.98 31.48
N VAL A 206 39.76 -1.85 31.60
CA VAL A 206 40.34 -1.39 32.86
C VAL A 206 39.23 -0.96 33.85
N VAL A 207 38.15 -0.37 33.35
CA VAL A 207 37.00 -0.02 34.20
C VAL A 207 36.35 -1.28 34.81
N LEU A 208 36.20 -2.33 34.01
CA LEU A 208 35.70 -3.62 34.51
C LEU A 208 36.63 -4.21 35.57
N TYR A 209 37.95 -4.06 35.39
CA TYR A 209 38.93 -4.45 36.42
C TYR A 209 38.75 -3.64 37.70
N GLU A 210 38.52 -2.34 37.55
CA GLU A 210 38.27 -1.43 38.69
C GLU A 210 37.01 -1.78 39.48
N LEU A 211 35.92 -2.03 38.75
CA LEU A 211 34.64 -2.43 39.34
C LEU A 211 34.75 -3.70 40.17
N PHE A 212 35.37 -4.73 39.60
CA PHE A 212 35.44 -6.05 40.23
C PHE A 212 36.58 -6.23 41.24
N THR A 213 37.45 -5.22 41.37
CA THR A 213 38.33 -5.05 42.54
C THR A 213 37.75 -4.03 43.56
N TYR A 214 36.53 -3.54 43.31
CA TYR A 214 35.89 -2.51 44.14
C TYR A 214 36.73 -1.24 44.32
N CYS A 215 37.47 -0.89 43.26
CA CYS A 215 38.44 0.24 43.28
C CYS A 215 39.41 0.24 44.47
N ASP A 216 39.86 -0.95 44.83
CA ASP A 216 40.79 -1.15 45.95
C ASP A 216 42.17 -0.64 45.53
N LYS A 217 42.76 0.18 46.40
CA LYS A 217 44.01 0.90 46.09
C LYS A 217 45.21 -0.03 46.04
N SER A 218 45.25 -0.99 46.96
CA SER A 218 46.32 -1.98 47.04
C SER A 218 46.46 -2.85 45.79
N CYS A 219 45.36 -3.06 45.06
CA CYS A 219 45.38 -3.79 43.79
C CYS A 219 44.80 -2.96 42.63
N SER A 220 45.13 -1.66 42.62
CA SER A 220 44.70 -0.75 41.56
C SER A 220 45.50 -0.99 40.27
N PRO A 221 45.02 -0.49 39.12
CA PRO A 221 45.78 -0.56 37.87
C PRO A 221 47.24 -0.14 37.98
N SER A 222 47.49 1.03 38.57
CA SER A 222 48.87 1.52 38.80
C SER A 222 49.66 0.56 39.68
N ALA A 223 49.11 0.27 40.86
CA ALA A 223 49.74 -0.64 41.82
C ALA A 223 50.12 -1.99 41.23
N GLU A 224 49.21 -2.55 40.43
CA GLU A 224 49.41 -3.88 39.84
C GLU A 224 50.36 -3.85 38.64
N PHE A 225 50.23 -2.83 37.78
CA PHE A 225 51.18 -2.62 36.67
C PHE A 225 52.60 -2.35 37.18
N LEU A 226 52.72 -1.42 38.15
CA LEU A 226 54.01 -1.11 38.81
C LEU A 226 54.71 -2.34 39.39
N ARG A 227 53.92 -3.27 39.92
CA ARG A 227 54.44 -4.56 40.40
C ARG A 227 55.07 -5.37 39.25
N MET A 228 54.38 -5.39 38.11
CA MET A 228 54.86 -6.08 36.90
C MET A 228 56.04 -5.36 36.22
N MET A 229 56.08 -4.03 36.32
CA MET A 229 57.16 -3.23 35.71
C MET A 229 58.50 -3.45 36.42
N VAL A 235 63.77 2.27 30.08
CA VAL A 235 64.02 2.84 31.42
C VAL A 235 62.87 3.73 31.92
N PRO A 236 62.28 4.58 31.03
CA PRO A 236 61.09 5.36 31.44
C PRO A 236 59.85 4.51 31.73
N ALA A 237 58.94 5.05 32.53
CA ALA A 237 57.72 4.33 32.96
C ALA A 237 56.74 4.08 31.81
N LEU A 238 56.61 5.06 30.92
CA LEU A 238 55.76 4.94 29.72
C LEU A 238 56.32 3.90 28.76
N SER A 239 57.64 3.93 28.56
CA SER A 239 58.34 2.96 27.71
C SER A 239 58.32 1.54 28.29
N ARG A 240 58.39 1.43 29.63
CA ARG A 240 58.31 0.13 30.31
C ARG A 240 56.90 -0.46 30.26
N LEU A 241 55.89 0.36 30.49
CA LEU A 241 54.49 -0.08 30.41
C LEU A 241 54.13 -0.55 29.00
N LEU A 242 54.57 0.22 28.00
CA LEU A 242 54.34 -0.12 26.59
C LEU A 242 55.06 -1.40 26.18
N GLU A 243 56.31 -1.56 26.65
CA GLU A 243 57.08 -2.79 26.46
C GLU A 243 56.34 -4.00 27.05
N LEU A 244 55.85 -3.84 28.26
CA LEU A 244 55.14 -4.89 29.00
C LEU A 244 53.88 -5.35 28.27
N LEU A 245 53.07 -4.39 27.82
CA LEU A 245 51.82 -4.69 27.10
C LEU A 245 52.06 -5.32 25.72
N GLU A 246 53.12 -4.91 25.03
CA GLU A 246 53.46 -5.48 23.72
C GLU A 246 54.02 -6.92 23.81
N GLU A 247 54.49 -7.31 25.01
CA GLU A 247 54.84 -8.71 25.30
C GLU A 247 53.64 -9.59 25.69
N GLY A 248 52.44 -9.00 25.77
CA GLY A 248 51.21 -9.73 26.08
C GLY A 248 50.82 -9.77 27.56
N GLN A 249 51.64 -9.17 28.43
CA GLN A 249 51.38 -9.11 29.87
C GLN A 249 50.23 -8.15 30.15
N ARG A 250 49.25 -8.60 30.93
CA ARG A 250 48.04 -7.83 31.25
C ARG A 250 47.80 -7.81 32.76
N LEU A 251 46.85 -6.97 33.19
CA LEU A 251 46.35 -6.99 34.58
C LEU A 251 45.79 -8.37 34.95
N PRO A 252 45.86 -8.75 36.24
CA PRO A 252 45.39 -10.08 36.61
C PRO A 252 43.88 -10.12 36.75
N ALA A 253 43.31 -11.32 36.80
CA ALA A 253 41.89 -11.47 37.09
C ALA A 253 41.65 -10.93 38.50
N PRO A 254 40.64 -10.05 38.66
CA PRO A 254 40.25 -9.72 40.04
C PRO A 254 39.78 -10.97 40.78
N PRO A 255 40.15 -11.13 42.08
CA PRO A 255 39.79 -12.35 42.81
C PRO A 255 38.28 -12.66 42.81
N ALA A 256 37.46 -11.64 43.09
CA ALA A 256 36.01 -11.76 43.08
C ALA A 256 35.43 -11.32 41.73
N CYS A 257 35.90 -11.98 40.67
CA CYS A 257 35.44 -11.74 39.30
C CYS A 257 34.97 -13.06 38.69
N PRO A 258 33.80 -13.07 38.03
CA PRO A 258 33.38 -14.26 37.28
C PRO A 258 34.26 -14.49 36.07
N ALA A 259 34.50 -15.77 35.76
CA ALA A 259 35.39 -16.17 34.66
C ALA A 259 35.03 -15.47 33.35
N GLU A 260 33.75 -15.49 33.00
CA GLU A 260 33.27 -14.91 31.75
C GLU A 260 33.50 -13.40 31.63
N VAL A 261 33.43 -12.70 32.76
CA VAL A 261 33.71 -11.24 32.80
C VAL A 261 35.20 -10.98 32.55
N HIS A 262 36.07 -11.78 33.15
CA HIS A 262 37.52 -11.69 32.90
C HIS A 262 37.88 -11.98 31.44
N GLU A 263 37.17 -12.92 30.82
CA GLU A 263 37.34 -13.20 29.39
C GLU A 263 36.97 -12.00 28.51
N LEU A 264 35.93 -11.27 28.87
CA LEU A 264 35.55 -10.03 28.17
C LEU A 264 36.58 -8.91 28.35
N MET A 265 37.20 -8.82 29.53
CA MET A 265 38.32 -7.88 29.77
C MET A 265 39.51 -8.16 28.85
N LYS A 266 39.86 -9.44 28.71
CA LYS A 266 40.96 -9.84 27.84
C LYS A 266 40.71 -9.55 26.35
N LEU A 267 39.45 -9.66 25.91
CA LEU A 267 39.06 -9.28 24.55
C LEU A 267 39.08 -7.77 24.35
N CYS A 268 38.68 -7.02 25.38
CA CYS A 268 38.85 -5.56 25.40
C CYS A 268 40.30 -5.14 25.25
N TRP A 269 41.22 -5.94 25.78
CA TRP A 269 42.65 -5.67 25.70
C TRP A 269 43.37 -6.40 24.56
N ALA A 270 42.70 -6.65 23.43
CA ALA A 270 43.36 -7.28 22.28
C ALA A 270 44.42 -6.31 21.73
N PRO A 271 45.63 -6.81 21.36
CA PRO A 271 46.70 -5.92 20.87
C PRO A 271 46.29 -4.97 19.73
N SER A 272 45.65 -5.54 18.70
CA SER A 272 45.14 -4.77 17.58
C SER A 272 43.76 -4.21 17.94
N PRO A 273 43.53 -2.90 17.70
CA PRO A 273 42.19 -2.28 17.87
C PRO A 273 41.06 -2.97 17.08
N GLN A 274 41.38 -3.48 15.90
CA GLN A 274 40.43 -4.20 15.04
C GLN A 274 39.90 -5.49 15.68
N ASP A 275 40.71 -6.13 16.50
CA ASP A 275 40.35 -7.40 17.16
C ASP A 275 39.59 -7.22 18.48
N ARG A 276 39.52 -5.99 18.98
CA ARG A 276 38.71 -5.67 20.14
C ARG A 276 37.23 -5.62 19.75
N PRO A 277 36.33 -6.08 20.66
CA PRO A 277 34.90 -6.04 20.37
C PRO A 277 34.35 -4.62 20.47
N SER A 278 33.29 -4.34 19.73
CA SER A 278 32.60 -3.05 19.83
C SER A 278 31.75 -3.02 21.11
N PHE A 279 31.42 -1.83 21.57
CA PHE A 279 30.49 -1.67 22.69
C PHE A 279 29.11 -2.29 22.41
N SER A 280 28.69 -2.28 21.13
CA SER A 280 27.47 -2.97 20.69
C SER A 280 27.54 -4.49 20.86
N ALA A 281 28.73 -5.07 20.68
CA ALA A 281 28.96 -6.51 20.91
C ALA A 281 29.19 -6.85 22.40
N LEU A 282 29.82 -5.94 23.15
CA LEU A 282 30.02 -6.12 24.59
C LEU A 282 28.73 -6.06 25.42
N GLY A 283 27.81 -5.18 25.02
CA GLY A 283 26.57 -4.92 25.76
C GLY A 283 25.74 -6.15 26.05
N PRO A 284 25.28 -6.86 25.00
CA PRO A 284 24.55 -8.12 25.19
C PRO A 284 25.33 -9.20 25.96
N GLN A 285 26.64 -9.29 25.72
CA GLN A 285 27.47 -10.27 26.43
C GLN A 285 27.48 -10.03 27.94
N LEU A 286 27.57 -8.76 28.36
CA LEU A 286 27.49 -8.39 29.76
C LEU A 286 26.13 -8.67 30.38
N ASP A 287 25.06 -8.28 29.68
CA ASP A 287 23.67 -8.42 30.18
C ASP A 287 23.22 -9.87 30.30
N MET A 288 23.64 -10.71 29.35
CA MET A 288 23.25 -12.12 29.31
C MET A 288 24.04 -13.02 30.27
N LEU A 289 25.04 -12.47 30.96
CA LEU A 289 25.80 -13.26 31.94
C LEU A 289 24.96 -13.67 33.16
N TRP A 290 25.09 -14.96 33.52
CA TRP A 290 24.43 -15.60 34.66
C TRP A 290 22.91 -15.82 34.48
N SER A 291 22.43 -15.80 33.24
CA SER A 291 21.02 -16.08 32.92
C SER A 291 20.89 -17.30 32.01
N PRO B 5 33.36 -25.00 11.86
CA PRO B 5 34.10 -23.90 12.50
C PRO B 5 33.19 -22.78 13.00
N THR B 6 33.73 -21.94 13.89
CA THR B 6 33.03 -20.74 14.34
C THR B 6 33.23 -19.55 13.39
N ILE B 7 34.38 -19.51 12.72
CA ILE B 7 34.63 -18.52 11.65
C ILE B 7 34.59 -19.25 10.29
N PHE B 8 33.63 -18.84 9.46
CA PHE B 8 33.42 -19.39 8.12
C PHE B 8 34.21 -18.58 7.10
N GLU B 9 35.01 -19.27 6.28
CA GLU B 9 35.82 -18.59 5.26
C GLU B 9 34.93 -18.25 4.05
N GLU B 10 35.06 -17.02 3.57
N GLU B 10 35.06 -17.02 3.57
CA GLU B 10 34.24 -16.48 2.49
CA GLU B 10 34.21 -16.49 2.48
C GLU B 10 34.29 -17.30 1.19
C GLU B 10 34.28 -17.29 1.18
N ARG B 11 35.49 -17.71 0.81
CA ARG B 11 35.69 -18.46 -0.46
C ARG B 11 35.04 -19.85 -0.52
N HIS B 12 34.77 -20.45 0.65
CA HIS B 12 34.10 -21.77 0.73
C HIS B 12 32.57 -21.70 0.80
N LEU B 13 32.00 -20.50 0.92
CA LEU B 13 30.55 -20.30 0.86
C LEU B 13 30.09 -20.20 -0.60
N LYS B 14 29.48 -21.26 -1.11
CA LYS B 14 28.91 -21.28 -2.44
C LYS B 14 27.49 -20.71 -2.41
N TYR B 15 27.26 -19.58 -3.07
CA TYR B 15 25.93 -18.96 -3.14
C TYR B 15 24.98 -19.77 -4.02
N ILE B 16 23.80 -20.07 -3.48
CA ILE B 16 22.77 -20.84 -4.19
C ILE B 16 21.64 -19.89 -4.62
N SER B 17 20.97 -19.30 -3.64
CA SER B 17 19.87 -18.35 -3.91
C SER B 17 19.55 -17.48 -2.70
N GLN B 18 18.66 -16.51 -2.92
CA GLN B 18 18.19 -15.61 -1.86
C GLN B 18 16.97 -16.23 -1.17
N LEU B 19 16.96 -16.22 0.16
CA LEU B 19 15.82 -16.71 0.95
C LEU B 19 14.84 -15.58 1.26
N GLY B 20 15.38 -14.44 1.71
CA GLY B 20 14.58 -13.23 1.94
C GLY B 20 15.39 -11.95 1.83
N LYS B 21 14.68 -10.87 1.48
CA LYS B 21 15.27 -9.52 1.33
C LYS B 21 14.55 -8.58 2.29
N GLY B 22 15.17 -8.31 3.43
CA GLY B 22 14.57 -7.52 4.49
C GLY B 22 14.72 -6.01 4.31
N ASN B 23 14.72 -5.30 5.43
CA ASN B 23 14.78 -3.83 5.47
C ASN B 23 16.06 -3.22 4.88
N PHE B 24 17.20 -3.53 5.48
CA PHE B 24 18.52 -3.01 5.06
C PHE B 24 19.51 -4.16 4.93
N GLY B 25 19.03 -5.31 4.46
CA GLY B 25 19.85 -6.52 4.34
C GLY B 25 19.14 -7.65 3.62
N SER B 26 19.71 -8.85 3.73
CA SER B 26 19.12 -10.04 3.12
C SER B 26 19.64 -11.31 3.78
N VAL B 27 18.94 -12.41 3.53
CA VAL B 27 19.34 -13.75 3.97
C VAL B 27 19.49 -14.60 2.71
N GLU B 28 20.68 -15.17 2.52
CA GLU B 28 21.00 -15.98 1.36
C GLU B 28 21.22 -17.44 1.73
N LEU B 29 20.78 -18.35 0.85
CA LEU B 29 21.08 -19.76 1.00
C LEU B 29 22.46 -20.02 0.39
N CYS B 30 23.35 -20.58 1.19
CA CYS B 30 24.68 -20.96 0.76
C CYS B 30 24.98 -22.40 1.16
N ARG B 31 25.95 -22.98 0.46
CA ARG B 31 26.55 -24.25 0.81
C ARG B 31 27.97 -23.93 1.25
N TYR B 32 28.29 -24.18 2.52
CA TYR B 32 29.66 -24.08 3.00
C TYR B 32 30.36 -25.38 2.61
N ASP B 33 31.27 -25.30 1.65
CA ASP B 33 31.87 -26.49 1.03
C ASP B 33 33.40 -26.44 0.90
N PRO B 34 34.13 -26.51 2.04
CA PRO B 34 35.61 -26.55 2.01
C PRO B 34 36.22 -27.79 1.35
N LEU B 35 35.52 -28.92 1.43
CA LEU B 35 35.99 -30.18 0.85
C LEU B 35 35.84 -30.20 -0.68
N GLY B 36 34.98 -29.34 -1.21
CA GLY B 36 34.84 -29.16 -2.67
C GLY B 36 34.16 -30.29 -3.43
N ASP B 37 33.47 -31.18 -2.71
CA ASP B 37 32.74 -32.32 -3.30
C ASP B 37 31.21 -32.14 -3.19
N ASN B 38 30.78 -30.95 -2.79
CA ASN B 38 29.37 -30.59 -2.60
C ASN B 38 28.62 -31.36 -1.49
N THR B 39 29.37 -31.92 -0.55
CA THR B 39 28.80 -32.64 0.61
C THR B 39 28.66 -31.74 1.85
N GLY B 40 29.19 -30.53 1.77
CA GLY B 40 29.11 -29.57 2.87
C GLY B 40 27.69 -29.18 3.22
N ALA B 41 27.52 -28.57 4.40
CA ALA B 41 26.20 -28.25 4.91
C ALA B 41 25.63 -27.00 4.25
N LEU B 42 24.31 -27.00 4.05
CA LEU B 42 23.60 -25.79 3.66
C LEU B 42 23.49 -24.87 4.88
N VAL B 43 23.59 -23.57 4.63
CA VAL B 43 23.53 -22.54 5.69
C VAL B 43 22.79 -21.30 5.22
N ALA B 44 22.14 -20.63 6.16
CA ALA B 44 21.48 -19.34 5.93
C ALA B 44 22.42 -18.23 6.41
N VAL B 45 22.71 -17.29 5.53
CA VAL B 45 23.70 -16.25 5.79
C VAL B 45 23.04 -14.88 5.66
N LYS B 46 22.95 -14.16 6.79
CA LYS B 46 22.44 -12.79 6.79
C LYS B 46 23.59 -11.80 6.62
N GLN B 47 23.33 -10.74 5.85
CA GLN B 47 24.28 -9.64 5.67
C GLN B 47 23.54 -8.33 5.41
N LEU B 48 24.18 -7.21 5.78
CA LEU B 48 23.64 -5.87 5.55
C LEU B 48 23.99 -5.36 4.15
N GLN B 49 23.10 -4.53 3.60
CA GLN B 49 23.29 -3.87 2.31
C GLN B 49 22.80 -2.43 2.40
N HIS B 50 23.66 -1.49 2.03
CA HIS B 50 23.33 -0.05 1.99
C HIS B 50 22.76 0.48 3.31
N SER B 51 23.28 -0.06 4.41
CA SER B 51 22.76 0.23 5.75
C SER B 51 23.47 1.42 6.39
N GLY B 52 22.81 2.04 7.37
CA GLY B 52 23.40 3.11 8.17
C GLY B 52 24.16 2.57 9.37
N PRO B 53 24.82 3.46 10.14
CA PRO B 53 25.48 3.08 11.40
C PRO B 53 24.56 2.43 12.44
N ASP B 54 23.30 2.87 12.50
CA ASP B 54 22.31 2.34 13.45
C ASP B 54 22.00 0.86 13.22
N GLN B 55 21.93 0.47 11.95
CA GLN B 55 21.66 -0.91 11.56
C GLN B 55 22.87 -1.82 11.81
N GLN B 56 24.06 -1.29 11.56
CA GLN B 56 25.33 -1.99 11.82
C GLN B 56 25.52 -2.30 13.31
N ARG B 57 25.13 -1.36 14.16
CA ARG B 57 25.15 -1.58 15.63
C ARG B 57 24.09 -2.59 16.06
N ASP B 58 22.88 -2.47 15.53
CA ASP B 58 21.80 -3.45 15.80
C ASP B 58 22.16 -4.87 15.34
N PHE B 59 22.88 -4.98 14.22
CA PHE B 59 23.36 -6.26 13.69
C PHE B 59 24.45 -6.88 14.59
N GLN B 60 25.32 -6.04 15.14
CA GLN B 60 26.31 -6.50 16.14
C GLN B 60 25.66 -7.09 17.40
N ARG B 61 24.58 -6.45 17.88
CA ARG B 61 23.77 -6.95 19.00
C ARG B 61 23.08 -8.28 18.66
N GLU B 62 22.49 -8.34 17.46
CA GLU B 62 21.79 -9.53 16.99
C GLU B 62 22.68 -10.77 16.99
N ILE B 63 23.88 -10.63 16.43
CA ILE B 63 24.86 -11.71 16.36
C ILE B 63 25.15 -12.28 17.76
N GLN B 64 25.39 -11.39 18.72
CA GLN B 64 25.69 -11.80 20.10
C GLN B 64 24.48 -12.39 20.82
N ILE B 65 23.28 -11.84 20.59
CA ILE B 65 22.07 -12.40 21.17
C ILE B 65 21.89 -13.83 20.67
N LEU B 66 21.78 -14.02 19.36
CA LEU B 66 21.54 -15.36 18.78
C LEU B 66 22.62 -16.38 19.16
N LYS B 67 23.87 -15.93 19.18
CA LYS B 67 25.01 -16.78 19.58
C LYS B 67 24.85 -17.33 20.99
N ALA B 68 24.35 -16.51 21.91
CA ALA B 68 24.21 -16.88 23.31
C ALA B 68 22.93 -17.66 23.64
N LEU B 69 21.97 -17.73 22.72
CA LEU B 69 20.74 -18.50 22.92
C LEU B 69 20.94 -19.98 22.56
N HIS B 70 20.56 -20.88 23.47
CA HIS B 70 20.68 -22.33 23.28
C HIS B 70 19.35 -23.03 23.61
N SER B 71 18.56 -23.28 22.58
CA SER B 71 17.27 -23.96 22.72
C SER B 71 16.95 -24.76 21.47
N ASP B 72 16.26 -25.88 21.65
CA ASP B 72 15.75 -26.68 20.53
C ASP B 72 14.69 -25.96 19.69
N PHE B 73 14.06 -24.92 20.26
CA PHE B 73 13.02 -24.15 19.57
C PHE B 73 13.44 -22.72 19.16
N ILE B 74 14.75 -22.48 19.07
N ILE B 74 14.75 -22.49 19.07
CA ILE B 74 15.32 -21.25 18.50
CA ILE B 74 15.34 -21.26 18.54
C ILE B 74 16.36 -21.67 17.47
C ILE B 74 16.36 -21.67 17.47
N VAL B 75 16.36 -20.97 16.33
CA VAL B 75 17.29 -21.27 15.22
C VAL B 75 18.76 -21.15 15.67
N LYS B 76 19.57 -22.14 15.30
CA LYS B 76 20.95 -22.23 15.76
C LYS B 76 21.91 -21.29 15.02
N TYR B 77 22.62 -20.48 15.80
CA TYR B 77 23.84 -19.79 15.36
C TYR B 77 24.93 -20.81 15.06
N ARG B 78 25.58 -20.65 13.91
N ARG B 78 25.58 -20.66 13.90
CA ARG B 78 26.73 -21.49 13.51
CA ARG B 78 26.74 -21.49 13.52
C ARG B 78 28.06 -20.73 13.58
C ARG B 78 28.06 -20.72 13.61
N GLY B 79 28.06 -19.48 13.12
CA GLY B 79 29.28 -18.66 13.14
C GLY B 79 29.14 -17.34 12.40
N VAL B 80 30.29 -16.75 12.09
CA VAL B 80 30.35 -15.51 11.31
C VAL B 80 31.34 -15.64 10.16
N SER B 81 31.10 -14.87 9.10
CA SER B 81 32.04 -14.70 8.00
C SER B 81 32.33 -13.21 7.80
N TYR B 82 33.50 -12.90 7.26
CA TYR B 82 33.94 -11.53 7.03
C TYR B 82 34.13 -11.29 5.53
N ARG B 86 37.22 -9.54 3.87
CA ARG B 86 37.51 -9.18 5.26
C ARG B 86 36.95 -7.83 5.76
N GLN B 87 36.34 -7.03 4.88
CA GLN B 87 35.74 -5.76 5.26
C GLN B 87 34.39 -5.93 5.95
N SER B 88 33.49 -6.69 5.32
CA SER B 88 32.10 -6.81 5.77
C SER B 88 31.94 -7.78 6.96
N LEU B 89 30.69 -8.01 7.36
CA LEU B 89 30.36 -8.97 8.41
C LEU B 89 29.07 -9.73 8.04
N ARG B 90 29.10 -11.05 8.20
CA ARG B 90 28.00 -11.93 7.81
C ARG B 90 27.67 -12.92 8.94
N LEU B 91 26.38 -13.10 9.22
CA LEU B 91 25.90 -14.02 10.28
C LEU B 91 25.49 -15.34 9.66
N VAL B 92 26.15 -16.43 10.06
CA VAL B 92 25.89 -17.77 9.52
C VAL B 92 24.97 -18.54 10.48
N MET B 93 23.85 -19.03 9.95
CA MET B 93 22.87 -19.79 10.72
C MET B 93 22.61 -21.13 10.05
N GLU B 94 22.13 -22.11 10.81
CA GLU B 94 21.72 -23.39 10.24
C GLU B 94 20.61 -23.16 9.23
N TYR B 95 20.53 -24.00 8.21
CA TYR B 95 19.48 -23.89 7.20
C TYR B 95 18.36 -24.88 7.48
N LEU B 96 17.12 -24.39 7.56
CA LEU B 96 15.93 -25.22 7.74
C LEU B 96 15.19 -25.32 6.40
N PRO B 97 15.38 -26.45 5.66
CA PRO B 97 14.93 -26.54 4.27
C PRO B 97 13.41 -26.51 4.04
N SER B 98 12.61 -26.83 5.06
CA SER B 98 11.14 -26.79 4.93
C SER B 98 10.54 -25.37 4.98
N GLY B 99 11.36 -24.36 5.28
CA GLY B 99 10.95 -22.96 5.15
C GLY B 99 10.13 -22.46 6.32
N CYS B 100 9.44 -21.34 6.10
CA CYS B 100 8.71 -20.67 7.17
C CYS B 100 7.37 -21.37 7.44
N LEU B 101 6.90 -21.23 8.67
CA LEU B 101 5.67 -21.88 9.13
C LEU B 101 4.42 -21.35 8.42
N ARG B 102 4.41 -20.06 8.10
CA ARG B 102 3.30 -19.41 7.38
C ARG B 102 3.01 -20.10 6.04
N ASP B 103 4.06 -20.31 5.24
CA ASP B 103 3.95 -21.03 3.96
C ASP B 103 3.68 -22.53 4.15
N PHE B 104 4.30 -23.12 5.16
CA PHE B 104 4.19 -24.56 5.43
C PHE B 104 2.75 -24.97 5.75
N LEU B 105 2.10 -24.17 6.59
CA LEU B 105 0.68 -24.35 6.93
C LEU B 105 -0.26 -24.29 5.72
N GLN B 106 -0.01 -23.32 4.83
CA GLN B 106 -0.82 -23.18 3.60
C GLN B 106 -0.57 -24.32 2.61
N ARG B 107 0.69 -24.73 2.48
CA ARG B 107 1.07 -25.80 1.55
C ARG B 107 0.52 -27.17 2.01
N HIS B 108 0.74 -27.50 3.27
CA HIS B 108 0.43 -28.86 3.80
C HIS B 108 -0.83 -28.92 4.68
N ARG B 109 -1.76 -27.98 4.48
CA ARG B 109 -2.99 -27.87 5.28
C ARG B 109 -3.73 -29.20 5.47
N ALA B 110 -3.81 -29.99 4.40
CA ALA B 110 -4.53 -31.26 4.39
C ALA B 110 -3.98 -32.31 5.36
N ARG B 111 -2.65 -32.35 5.53
CA ARG B 111 -1.99 -33.39 6.35
C ARG B 111 -1.55 -32.92 7.75
N LEU B 112 -2.09 -31.80 8.22
CA LEU B 112 -1.78 -31.22 9.53
C LEU B 112 -3.08 -31.01 10.33
N ASP B 113 -3.31 -31.85 11.34
CA ASP B 113 -4.54 -31.76 12.16
C ASP B 113 -4.36 -30.79 13.34
N ALA B 114 -5.44 -30.59 14.11
CA ALA B 114 -5.43 -29.69 15.28
C ALA B 114 -4.39 -30.05 16.34
N SER B 115 -4.17 -31.35 16.54
CA SER B 115 -3.12 -31.84 17.45
C SER B 115 -1.73 -31.37 17.02
N ARG B 116 -1.45 -31.43 15.73
CA ARG B 116 -0.17 -30.96 15.17
C ARG B 116 0.02 -29.44 15.35
N LEU B 117 -1.06 -28.68 15.20
CA LEU B 117 -1.04 -27.23 15.47
C LEU B 117 -0.75 -26.94 16.93
N LEU B 118 -1.28 -27.77 17.83
CA LEU B 118 -1.03 -27.63 19.27
C LEU B 118 0.42 -27.94 19.61
N LEU B 119 0.98 -28.98 18.98
CA LEU B 119 2.41 -29.29 19.11
C LEU B 119 3.29 -28.10 18.73
N TYR B 120 2.97 -27.45 17.60
CA TYR B 120 3.73 -26.26 17.16
C TYR B 120 3.62 -25.10 18.15
N SER B 121 2.40 -24.85 18.62
CA SER B 121 2.13 -23.81 19.63
C SER B 121 2.92 -24.04 20.91
N SER B 122 2.92 -25.29 21.37
CA SER B 122 3.66 -25.73 22.56
C SER B 122 5.17 -25.50 22.40
N GLN B 123 5.70 -25.84 21.24
CA GLN B 123 7.12 -25.64 20.93
C GLN B 123 7.51 -24.16 20.83
N ILE B 124 6.64 -23.35 20.22
CA ILE B 124 6.84 -21.90 20.14
C ILE B 124 6.80 -21.31 21.55
N CYS B 125 5.81 -21.72 22.34
CA CYS B 125 5.68 -21.31 23.73
C CYS B 125 6.93 -21.62 24.58
N LYS B 126 7.48 -22.82 24.38
CA LYS B 126 8.71 -23.25 25.07
C LYS B 126 9.92 -22.39 24.71
N GLY B 127 10.06 -22.07 23.43
CA GLY B 127 11.13 -21.18 22.96
C GLY B 127 11.02 -19.77 23.52
N MET B 128 9.80 -19.26 23.62
CA MET B 128 9.54 -17.94 24.18
C MET B 128 9.74 -17.88 25.70
N GLU B 129 9.37 -18.95 26.40
CA GLU B 129 9.68 -19.09 27.83
C GLU B 129 11.19 -19.06 28.06
N TYR B 130 11.94 -19.72 27.18
CA TYR B 130 13.41 -19.68 27.23
C TYR B 130 13.96 -18.28 26.94
N LEU B 131 13.39 -17.60 25.93
CA LEU B 131 13.78 -16.21 25.64
C LEU B 131 13.57 -15.28 26.82
N GLY B 132 12.43 -15.43 27.49
CA GLY B 132 12.13 -14.70 28.72
C GLY B 132 13.10 -14.97 29.86
N SER B 133 13.60 -16.21 29.96
CA SER B 133 14.63 -16.55 30.94
C SER B 133 15.97 -15.85 30.66
N ARG B 134 16.22 -15.54 29.38
CA ARG B 134 17.41 -14.78 28.97
C ARG B 134 17.18 -13.26 28.92
N ARG B 135 16.02 -12.83 29.42
CA ARG B 135 15.63 -11.42 29.46
C ARG B 135 15.70 -10.76 28.07
N CYS B 136 15.27 -11.54 27.07
CA CYS B 136 15.24 -11.12 25.67
C CYS B 136 13.80 -10.95 25.23
N VAL B 137 13.54 -9.83 24.55
CA VAL B 137 12.26 -9.57 23.89
C VAL B 137 12.49 -9.75 22.39
N HIS B 138 11.59 -10.47 21.73
CA HIS B 138 11.73 -10.79 20.29
C HIS B 138 11.29 -9.62 19.40
N ARG B 139 10.16 -9.02 19.74
CA ARG B 139 9.55 -7.87 19.01
C ARG B 139 8.98 -8.15 17.61
N ASP B 140 9.07 -9.38 17.13
CA ASP B 140 8.65 -9.74 15.76
C ASP B 140 8.18 -11.19 15.66
N LEU B 141 7.48 -11.67 16.71
CA LEU B 141 6.97 -13.03 16.75
C LEU B 141 5.77 -13.13 15.82
N ALA B 142 5.91 -13.92 14.77
CA ALA B 142 4.88 -14.14 13.76
C ALA B 142 5.19 -15.41 12.97
N ALA B 143 4.16 -16.01 12.36
CA ALA B 143 4.32 -17.26 11.59
C ALA B 143 5.36 -17.19 10.46
N ARG B 144 5.50 -16.01 9.85
CA ARG B 144 6.55 -15.78 8.84
C ARG B 144 7.98 -15.88 9.39
N ASN B 145 8.13 -15.62 10.70
CA ASN B 145 9.43 -15.70 11.40
C ASN B 145 9.70 -17.00 12.18
N ILE B 146 8.75 -17.93 12.16
N ILE B 146 8.78 -17.95 12.11
CA ILE B 146 8.94 -19.29 12.69
CA ILE B 146 8.97 -19.28 12.70
C ILE B 146 9.35 -20.18 11.52
C ILE B 146 9.30 -20.23 11.56
N LEU B 147 10.37 -21.01 11.72
CA LEU B 147 10.86 -21.93 10.69
C LEU B 147 10.52 -23.37 11.04
N VAL B 148 10.37 -24.19 9.99
CA VAL B 148 10.03 -25.60 10.13
C VAL B 148 11.31 -26.44 10.01
N GLU B 149 11.69 -27.09 11.12
CA GLU B 149 12.82 -28.03 11.16
C GLU B 149 12.37 -29.34 10.52
N SER B 150 11.21 -29.81 10.94
CA SER B 150 10.57 -30.97 10.33
C SER B 150 9.06 -30.87 10.52
N GLU B 151 8.32 -31.85 10.01
CA GLU B 151 6.86 -31.89 10.20
C GLU B 151 6.42 -31.84 11.67
N ALA B 152 7.24 -32.35 12.59
CA ALA B 152 6.92 -32.35 14.03
C ALA B 152 7.83 -31.42 14.87
N HIS B 153 8.41 -30.38 14.26
CA HIS B 153 9.38 -29.52 14.94
C HIS B 153 9.53 -28.14 14.26
N VAL B 154 9.22 -27.07 15.01
CA VAL B 154 9.43 -25.70 14.56
C VAL B 154 10.43 -24.94 15.47
N LYS B 155 11.02 -23.88 14.90
CA LYS B 155 12.01 -23.04 15.60
C LYS B 155 11.74 -21.55 15.33
N ILE B 156 11.83 -20.73 16.38
CA ILE B 156 11.72 -19.27 16.26
C ILE B 156 12.99 -18.74 15.59
N ALA B 157 12.81 -17.82 14.66
CA ALA B 157 13.93 -17.23 13.90
C ALA B 157 13.74 -15.71 13.77
N ASP B 158 14.63 -15.08 12.98
CA ASP B 158 14.63 -13.63 12.72
C ASP B 158 14.72 -12.79 14.01
N PHE B 159 15.94 -12.66 14.53
CA PHE B 159 16.22 -11.88 15.74
C PHE B 159 16.68 -10.43 15.45
N GLY B 160 16.37 -9.93 14.25
CA GLY B 160 16.74 -8.58 13.82
C GLY B 160 16.25 -7.44 14.71
N LEU B 161 15.01 -7.56 15.19
CA LEU B 161 14.42 -6.57 16.10
C LEU B 161 14.53 -6.93 17.59
N ALA B 162 15.26 -7.99 17.93
CA ALA B 162 15.30 -8.52 19.29
C ALA B 162 16.10 -7.60 20.22
N LYS B 163 15.51 -7.31 21.38
CA LYS B 163 16.09 -6.39 22.37
C LYS B 163 16.19 -7.08 23.73
N LEU B 164 17.36 -7.01 24.35
CA LEU B 164 17.53 -7.45 25.74
C LEU B 164 17.06 -6.35 26.69
N LEU B 165 16.26 -6.73 27.69
CA LEU B 165 15.75 -5.80 28.70
C LEU B 165 16.91 -5.20 29.50
N PRO B 166 16.74 -3.97 30.02
CA PRO B 166 17.67 -3.46 31.03
C PRO B 166 17.71 -4.40 32.25
N LEU B 167 18.88 -4.53 32.87
CA LEU B 167 19.06 -5.51 33.96
C LEU B 167 18.15 -5.28 35.18
N ASP B 168 17.74 -4.03 35.39
CA ASP B 168 16.88 -3.64 36.54
C ASP B 168 15.45 -3.20 36.14
N LYS B 169 15.03 -3.46 34.89
CA LYS B 169 13.69 -3.10 34.41
C LYS B 169 13.05 -4.25 33.62
N ASP B 170 11.75 -4.44 33.79
CA ASP B 170 10.99 -5.48 33.07
C ASP B 170 10.44 -5.05 31.70
N PTR B 171 10.80 -3.86 31.23
CA PTR B 171 10.31 -3.34 29.94
C PTR B 171 11.34 -2.44 29.24
O PTR B 171 12.27 -1.94 29.89
CB PTR B 171 9.02 -2.54 30.11
CG PTR B 171 9.17 -1.24 30.87
CD1 PTR B 171 9.43 -1.23 32.24
CD2 PTR B 171 9.09 -0.01 30.20
CE1 PTR B 171 9.57 -0.04 32.94
CE2 PTR B 171 9.24 1.19 30.90
CZ PTR B 171 9.48 1.17 32.26
OH PTR B 171 9.61 2.23 32.89
P PTR B 171 10.89 3.18 32.71
O1P PTR B 171 12.16 2.35 32.43
O2P PTR B 171 10.63 4.09 31.56
O3P PTR B 171 11.09 4.02 33.99
N PTR B 172 11.16 -2.27 27.94
CA PTR B 172 12.02 -1.41 27.12
C PTR B 172 11.19 -0.54 26.19
O PTR B 172 10.28 -1.03 25.52
CB PTR B 172 12.99 -2.26 26.28
CG PTR B 172 14.05 -1.44 25.57
CD1 PTR B 172 14.07 -1.36 24.17
CD2 PTR B 172 15.02 -0.75 26.28
CE1 PTR B 172 15.02 -0.60 23.51
CE2 PTR B 172 15.99 0.02 25.63
CZ PTR B 172 15.99 0.08 24.25
OH PTR B 172 16.85 0.77 23.69
P PTR B 172 17.85 0.19 22.54
O1P PTR B 172 18.13 -1.25 22.83
O2P PTR B 172 19.16 1.00 22.55
O3P PTR B 172 17.17 0.31 21.17
N VAL B 173 11.51 0.75 26.15
CA VAL B 173 10.85 1.71 25.26
C VAL B 173 11.77 1.98 24.07
N VAL B 174 11.30 1.65 22.87
CA VAL B 174 12.04 1.88 21.63
C VAL B 174 11.75 3.31 21.14
N ARG B 175 12.81 4.07 20.87
CA ARG B 175 12.69 5.50 20.51
C ARG B 175 12.10 5.68 19.11
N GLU B 176 12.72 5.06 18.12
CA GLU B 176 12.28 5.13 16.73
C GLU B 176 11.53 3.84 16.35
N PRO B 177 10.18 3.91 16.21
CA PRO B 177 9.44 2.71 15.79
C PRO B 177 9.61 2.42 14.29
N GLY B 178 10.33 1.34 13.97
CA GLY B 178 10.58 0.95 12.58
C GLY B 178 9.37 0.30 11.92
N GLN B 179 9.28 0.43 10.61
CA GLN B 179 8.13 -0.06 9.83
C GLN B 179 8.13 -1.59 9.67
N SER B 180 7.57 -2.27 10.67
CA SER B 180 7.26 -3.70 10.61
C SER B 180 5.77 -3.91 10.99
N PRO B 181 5.10 -4.94 10.39
CA PRO B 181 3.65 -5.14 10.51
C PRO B 181 3.01 -4.81 11.86
N ILE B 182 2.06 -3.88 11.84
CA ILE B 182 1.37 -3.40 13.05
C ILE B 182 0.38 -4.40 13.68
N PHE B 183 0.00 -5.43 12.93
CA PHE B 183 -1.08 -6.34 13.32
C PHE B 183 -0.69 -7.44 14.32
N TRP B 184 0.60 -7.49 14.69
CA TRP B 184 1.10 -8.37 15.76
C TRP B 184 1.47 -7.61 17.05
N TYR B 185 1.38 -6.27 17.01
CA TYR B 185 1.82 -5.43 18.13
C TYR B 185 0.73 -5.29 19.21
N ALA B 186 1.16 -5.28 20.48
CA ALA B 186 0.28 -4.99 21.60
C ALA B 186 -0.11 -3.50 21.61
N PRO B 187 -1.24 -3.15 22.26
CA PRO B 187 -1.68 -1.74 22.33
C PRO B 187 -0.67 -0.76 22.96
N GLU B 188 0.04 -1.19 23.99
CA GLU B 188 1.08 -0.34 24.62
C GLU B 188 2.30 -0.08 23.72
N SER B 189 2.56 -1.01 22.80
CA SER B 189 3.60 -0.84 21.78
C SER B 189 3.14 0.12 20.69
N LEU B 190 1.89 -0.04 20.26
CA LEU B 190 1.26 0.89 19.31
C LEU B 190 1.18 2.32 19.85
N SER B 191 0.71 2.45 21.09
CA SER B 191 0.48 3.76 21.71
C SER B 191 1.75 4.45 22.21
N ASP B 192 2.58 3.71 22.96
CA ASP B 192 3.74 4.28 23.66
C ASP B 192 5.10 3.63 23.35
N ASN B 193 5.15 2.76 22.33
CA ASN B 193 6.37 2.05 21.93
C ASN B 193 7.02 1.20 23.05
N ILE B 194 6.18 0.70 23.96
CA ILE B 194 6.64 -0.08 25.12
C ILE B 194 6.69 -1.55 24.73
N PHE B 195 7.85 -2.17 24.90
CA PHE B 195 8.05 -3.58 24.59
C PHE B 195 8.52 -4.36 25.81
N SER B 196 8.03 -5.58 25.93
CA SER B 196 8.32 -6.45 27.06
C SER B 196 8.04 -7.91 26.71
N ARG B 197 8.30 -8.80 27.67
CA ARG B 197 7.86 -10.19 27.56
C ARG B 197 6.34 -10.34 27.37
N GLN B 198 5.59 -9.41 27.97
N GLN B 198 5.57 -9.44 27.96
CA GLN B 198 4.12 -9.40 27.92
CA GLN B 198 4.11 -9.49 27.88
C GLN B 198 3.59 -8.98 26.55
C GLN B 198 3.56 -8.96 26.54
N SER B 199 4.29 -8.07 25.88
CA SER B 199 3.96 -7.68 24.50
C SER B 199 4.24 -8.83 23.50
N ASP B 200 5.24 -9.67 23.82
CA ASP B 200 5.45 -10.93 23.08
C ASP B 200 4.27 -11.91 23.25
N VAL B 201 3.69 -11.96 24.45
CA VAL B 201 2.53 -12.82 24.73
C VAL B 201 1.31 -12.39 23.88
N TRP B 202 1.12 -11.08 23.73
CA TRP B 202 0.13 -10.55 22.79
C TRP B 202 0.40 -11.10 21.40
N SER B 203 1.65 -11.00 20.92
CA SER B 203 2.03 -11.50 19.60
C SER B 203 1.82 -13.01 19.46
N PHE B 204 2.16 -13.76 20.50
CA PHE B 204 1.93 -15.22 20.55
C PHE B 204 0.44 -15.58 20.35
N GLY B 205 -0.44 -14.79 20.97
CA GLY B 205 -1.89 -14.90 20.72
C GLY B 205 -2.25 -14.81 19.25
N VAL B 206 -1.59 -13.88 18.55
CA VAL B 206 -1.76 -13.72 17.09
C VAL B 206 -1.18 -14.93 16.34
N VAL B 207 -0.03 -15.45 16.80
CA VAL B 207 0.55 -16.68 16.22
C VAL B 207 -0.41 -17.88 16.37
N LEU B 208 -1.09 -17.99 17.51
CA LEU B 208 -2.14 -19.01 17.70
C LEU B 208 -3.29 -18.82 16.72
N TYR B 209 -3.69 -17.57 16.50
CA TYR B 209 -4.70 -17.24 15.48
C TYR B 209 -4.22 -17.67 14.08
N GLU B 210 -2.94 -17.45 13.78
CA GLU B 210 -2.35 -17.83 12.49
C GLU B 210 -2.37 -19.35 12.29
N LEU B 211 -1.81 -20.06 13.28
CA LEU B 211 -1.80 -21.53 13.30
C LEU B 211 -3.15 -22.16 13.01
N PHE B 212 -4.17 -21.72 13.75
CA PHE B 212 -5.52 -22.30 13.64
C PHE B 212 -6.40 -21.71 12.53
N THR B 213 -5.86 -20.74 11.78
CA THR B 213 -6.38 -20.37 10.45
C THR B 213 -5.62 -21.06 9.31
N TYR B 214 -4.56 -21.81 9.65
CA TYR B 214 -3.59 -22.36 8.69
C TYR B 214 -2.97 -21.27 7.78
N CYS B 215 -2.83 -20.06 8.32
CA CYS B 215 -2.37 -18.88 7.59
C CYS B 215 -3.12 -18.63 6.26
N ASP B 216 -4.44 -18.81 6.31
CA ASP B 216 -5.32 -18.51 5.19
C ASP B 216 -5.29 -16.99 5.00
N LYS B 217 -5.00 -16.56 3.76
CA LYS B 217 -4.88 -15.14 3.41
C LYS B 217 -6.19 -14.36 3.56
N SER B 218 -7.31 -15.02 3.24
CA SER B 218 -8.65 -14.40 3.30
C SER B 218 -9.04 -13.93 4.72
N CYS B 219 -8.58 -14.65 5.74
CA CYS B 219 -8.82 -14.27 7.14
C CYS B 219 -7.49 -14.09 7.91
N SER B 220 -6.52 -13.45 7.25
CA SER B 220 -5.25 -13.11 7.89
C SER B 220 -5.46 -11.99 8.91
N PRO B 221 -4.54 -11.86 9.90
CA PRO B 221 -4.59 -10.73 10.84
C PRO B 221 -4.75 -9.37 10.16
N SER B 222 -3.97 -9.12 9.10
CA SER B 222 -4.07 -7.88 8.33
C SER B 222 -5.42 -7.74 7.64
N ALA B 223 -5.87 -8.81 6.97
CA ALA B 223 -7.17 -8.80 6.27
C ALA B 223 -8.35 -8.59 7.20
N GLU B 224 -8.30 -9.18 8.40
CA GLU B 224 -9.39 -9.01 9.38
C GLU B 224 -9.36 -7.64 10.04
N PHE B 225 -8.19 -7.21 10.52
CA PHE B 225 -8.04 -5.90 11.16
C PHE B 225 -8.38 -4.75 10.19
N LEU B 226 -7.85 -4.81 8.96
CA LEU B 226 -8.15 -3.78 7.93
C LEU B 226 -9.64 -3.70 7.58
N ARG B 227 -10.33 -4.84 7.57
CA ARG B 227 -11.78 -4.87 7.38
C ARG B 227 -12.51 -4.19 8.55
N MET B 228 -12.09 -4.49 9.77
CA MET B 228 -12.63 -3.85 10.99
C MET B 228 -12.23 -2.38 11.13
N MET B 229 -10.96 -2.09 10.79
CA MET B 229 -10.43 -0.72 10.82
C MET B 229 -11.13 0.15 9.78
N GLY B 230 -11.09 -0.30 8.53
CA GLY B 230 -11.56 0.50 7.39
C GLY B 230 -10.55 1.55 7.00
N SER B 231 -10.81 2.20 5.87
CA SER B 231 -9.96 3.27 5.34
C SER B 231 -10.70 4.61 5.23
N GLU B 232 -11.89 4.71 5.83
CA GLU B 232 -12.79 5.85 5.62
C GLU B 232 -12.30 7.16 6.24
N ARG B 233 -11.78 7.08 7.47
CA ARG B 233 -11.26 8.26 8.19
C ARG B 233 -9.79 8.47 7.86
N ASP B 234 -9.43 9.69 7.47
CA ASP B 234 -8.06 10.06 7.11
C ASP B 234 -7.19 10.20 8.36
N VAL B 235 -6.76 9.06 8.88
CA VAL B 235 -5.92 8.95 10.08
C VAL B 235 -4.86 7.88 9.78
N PRO B 236 -3.66 7.95 10.40
CA PRO B 236 -2.71 6.82 10.27
C PRO B 236 -3.30 5.46 10.64
N ALA B 237 -2.84 4.41 9.97
CA ALA B 237 -3.32 3.04 10.18
C ALA B 237 -3.02 2.52 11.59
N LEU B 238 -1.87 2.93 12.15
CA LEU B 238 -1.50 2.60 13.53
C LEU B 238 -2.54 3.09 14.54
N SER B 239 -2.91 4.36 14.41
CA SER B 239 -3.89 5.01 15.29
C SER B 239 -5.27 4.36 15.23
N ARG B 240 -5.71 4.01 14.02
CA ARG B 240 -7.00 3.34 13.81
C ARG B 240 -7.04 1.96 14.45
N LEU B 241 -5.97 1.18 14.25
CA LEU B 241 -5.83 -0.13 14.90
C LEU B 241 -5.84 0.02 16.42
N LEU B 242 -5.08 0.98 16.93
CA LEU B 242 -5.00 1.27 18.37
C LEU B 242 -6.36 1.62 18.98
N GLU B 243 -7.10 2.50 18.30
CA GLU B 243 -8.48 2.83 18.68
C GLU B 243 -9.37 1.60 18.71
N LEU B 244 -9.20 0.73 17.72
CA LEU B 244 -9.94 -0.54 17.61
C LEU B 244 -9.66 -1.47 18.80
N LEU B 245 -8.39 -1.61 19.17
CA LEU B 245 -7.99 -2.48 20.29
C LEU B 245 -8.40 -1.89 21.63
N GLU B 246 -8.25 -0.57 21.80
CA GLU B 246 -8.69 0.11 23.02
C GLU B 246 -10.20 -0.04 23.30
N GLU B 247 -11.00 -0.16 22.24
CA GLU B 247 -12.45 -0.45 22.36
C GLU B 247 -12.77 -1.83 22.91
N GLY B 248 -11.84 -2.78 22.76
CA GLY B 248 -12.04 -4.17 23.20
C GLY B 248 -12.26 -5.14 22.06
N GLN B 249 -12.42 -4.64 20.83
CA GLN B 249 -12.52 -5.48 19.64
C GLN B 249 -11.23 -6.28 19.39
N ARG B 250 -11.39 -7.56 19.03
CA ARG B 250 -10.27 -8.46 18.74
C ARG B 250 -10.54 -9.19 17.43
N LEU B 251 -9.54 -9.95 16.98
CA LEU B 251 -9.72 -10.90 15.87
C LEU B 251 -10.76 -11.95 16.26
N PRO B 252 -11.61 -12.37 15.31
CA PRO B 252 -12.63 -13.37 15.64
C PRO B 252 -12.03 -14.76 15.87
N ALA B 253 -12.88 -15.70 16.26
CA ALA B 253 -12.45 -17.09 16.42
C ALA B 253 -12.20 -17.67 15.03
N PRO B 254 -11.03 -18.30 14.78
CA PRO B 254 -10.81 -18.96 13.50
C PRO B 254 -11.89 -20.00 13.14
N PRO B 255 -12.11 -20.25 11.84
CA PRO B 255 -13.18 -21.18 11.46
C PRO B 255 -12.88 -22.61 11.96
N ALA B 256 -13.86 -23.21 12.64
CA ALA B 256 -13.71 -24.53 13.26
C ALA B 256 -12.57 -24.61 14.29
N CYS B 257 -12.33 -23.51 14.99
CA CYS B 257 -11.30 -23.46 16.04
C CYS B 257 -11.86 -24.13 17.30
N PRO B 258 -11.03 -24.93 18.00
CA PRO B 258 -11.42 -25.39 19.34
C PRO B 258 -11.68 -24.22 20.29
N ALA B 259 -12.74 -24.33 21.10
CA ALA B 259 -13.19 -23.24 21.96
C ALA B 259 -12.14 -22.84 22.98
N GLU B 260 -11.59 -23.83 23.67
CA GLU B 260 -10.53 -23.62 24.67
C GLU B 260 -9.25 -22.96 24.13
N VAL B 261 -8.91 -23.24 22.86
CA VAL B 261 -7.77 -22.60 22.19
C VAL B 261 -8.05 -21.11 21.95
N HIS B 262 -9.29 -20.79 21.58
CA HIS B 262 -9.70 -19.39 21.39
C HIS B 262 -9.68 -18.60 22.70
N GLU B 263 -10.09 -19.24 23.79
CA GLU B 263 -10.04 -18.62 25.12
C GLU B 263 -8.61 -18.27 25.57
N LEU B 264 -7.64 -19.09 25.18
CA LEU B 264 -6.21 -18.79 25.43
C LEU B 264 -5.71 -17.58 24.64
N MET B 265 -6.13 -17.46 23.37
CA MET B 265 -5.84 -16.25 22.57
C MET B 265 -6.37 -14.99 23.26
N LYS B 266 -7.61 -15.06 23.76
CA LYS B 266 -8.24 -13.92 24.43
C LYS B 266 -7.54 -13.49 25.73
N LEU B 267 -6.95 -14.45 26.44
CA LEU B 267 -6.12 -14.18 27.61
C LEU B 267 -4.82 -13.48 27.20
N CYS B 268 -4.18 -14.00 26.16
CA CYS B 268 -3.00 -13.39 25.54
C CYS B 268 -3.23 -11.95 25.11
N TRP B 269 -4.46 -11.63 24.69
CA TRP B 269 -4.84 -10.29 24.25
C TRP B 269 -5.55 -9.44 25.33
N ALA B 270 -5.23 -9.67 26.61
CA ALA B 270 -5.81 -8.85 27.69
C ALA B 270 -5.26 -7.42 27.60
N PRO B 271 -6.12 -6.38 27.79
CA PRO B 271 -5.65 -4.98 27.67
C PRO B 271 -4.37 -4.66 28.46
N SER B 272 -4.37 -4.98 29.75
CA SER B 272 -3.22 -4.71 30.62
C SER B 272 -2.16 -5.80 30.42
N PRO B 273 -0.87 -5.41 30.26
CA PRO B 273 0.23 -6.39 30.19
C PRO B 273 0.28 -7.37 31.38
N GLN B 274 0.08 -6.84 32.60
CA GLN B 274 0.10 -7.66 33.82
C GLN B 274 -1.01 -8.70 33.91
N ASP B 275 -2.15 -8.45 33.26
CA ASP B 275 -3.28 -9.40 33.21
C ASP B 275 -3.10 -10.54 32.20
N ARG B 276 -2.13 -10.43 31.30
CA ARG B 276 -1.80 -11.52 30.37
C ARG B 276 -1.01 -12.60 31.10
N PRO B 277 -1.24 -13.88 30.72
CA PRO B 277 -0.50 -14.96 31.38
C PRO B 277 0.95 -14.98 30.90
N SER B 278 1.86 -15.44 31.76
CA SER B 278 3.23 -15.66 31.34
C SER B 278 3.32 -16.86 30.40
N PHE B 279 4.39 -16.93 29.62
CA PHE B 279 4.70 -18.11 28.82
C PHE B 279 4.83 -19.38 29.68
N SER B 280 5.33 -19.23 30.92
CA SER B 280 5.42 -20.33 31.89
C SER B 280 4.05 -20.89 32.27
N ALA B 281 3.07 -20.01 32.42
CA ALA B 281 1.68 -20.40 32.68
C ALA B 281 0.93 -20.93 31.44
N LEU B 282 1.23 -20.36 30.27
CA LEU B 282 0.62 -20.81 29.00
C LEU B 282 1.02 -22.23 28.60
N GLY B 283 2.30 -22.57 28.79
CA GLY B 283 2.86 -23.84 28.32
C GLY B 283 2.11 -25.08 28.76
N PRO B 284 1.95 -25.28 30.08
CA PRO B 284 1.11 -26.37 30.58
C PRO B 284 -0.36 -26.30 30.13
N GLN B 285 -0.91 -25.10 29.99
CA GLN B 285 -2.31 -24.94 29.53
C GLN B 285 -2.50 -25.43 28.09
N LEU B 286 -1.50 -25.22 27.25
CA LEU B 286 -1.48 -25.80 25.90
C LEU B 286 -1.22 -27.32 25.91
N ASP B 287 -0.25 -27.76 26.70
CA ASP B 287 0.19 -29.17 26.71
C ASP B 287 -0.85 -30.16 27.22
N MET B 288 -1.57 -29.81 28.27
CA MET B 288 -2.60 -30.70 28.85
C MET B 288 -4.02 -30.23 28.49
N LEU B 289 -4.17 -29.73 27.26
CA LEU B 289 -5.43 -29.17 26.79
C LEU B 289 -6.44 -30.28 26.43
N TRP B 290 -6.00 -31.26 25.63
CA TRP B 290 -6.83 -32.41 25.23
C TRP B 290 -6.28 -33.72 25.82
N SER B 291 -6.54 -33.92 27.11
CA SER B 291 -6.14 -35.14 27.82
C SER B 291 -6.88 -35.28 29.14
N GLN C 3 -12.07 -13.77 -33.72
CA GLN C 3 -10.87 -13.24 -34.42
C GLN C 3 -10.88 -13.55 -35.93
N ASP C 4 -10.28 -14.67 -36.34
CA ASP C 4 -10.15 -15.02 -37.77
C ASP C 4 -11.44 -15.55 -38.41
N PRO C 5 -12.16 -16.47 -37.73
CA PRO C 5 -13.51 -16.84 -38.20
C PRO C 5 -14.52 -15.68 -38.13
N THR C 6 -14.28 -14.75 -37.21
CA THR C 6 -15.09 -13.54 -37.04
C THR C 6 -14.93 -12.54 -38.20
N ILE C 7 -13.73 -12.44 -38.78
CA ILE C 7 -13.48 -11.46 -39.85
C ILE C 7 -13.88 -12.03 -41.22
N PHE C 8 -14.90 -11.42 -41.82
CA PHE C 8 -15.37 -11.74 -43.18
C PHE C 8 -14.72 -10.79 -44.18
N GLU C 9 -14.29 -11.32 -45.32
CA GLU C 9 -13.70 -10.50 -46.40
C GLU C 9 -14.81 -9.92 -47.28
N GLU C 10 -14.65 -8.66 -47.67
CA GLU C 10 -15.68 -7.92 -48.40
C GLU C 10 -15.83 -8.38 -49.86
N ARG C 11 -14.71 -8.72 -50.49
CA ARG C 11 -14.69 -9.28 -51.85
C ARG C 11 -15.47 -10.58 -52.02
N HIS C 12 -15.56 -11.38 -50.95
CA HIS C 12 -16.29 -12.66 -50.95
C HIS C 12 -17.78 -12.56 -50.59
N LEU C 13 -18.23 -11.40 -50.10
CA LEU C 13 -19.66 -11.18 -49.80
C LEU C 13 -20.45 -10.83 -51.07
N LYS C 14 -21.10 -11.85 -51.64
CA LYS C 14 -21.94 -11.68 -52.82
C LYS C 14 -23.33 -11.14 -52.43
N TYR C 15 -23.64 -9.93 -52.88
CA TYR C 15 -24.95 -9.30 -52.62
C TYR C 15 -26.06 -10.03 -53.39
N ILE C 16 -27.21 -10.19 -52.74
CA ILE C 16 -28.39 -10.85 -53.32
C ILE C 16 -29.58 -9.88 -53.33
N SER C 17 -29.99 -9.42 -52.14
CA SER C 17 -31.16 -8.53 -52.00
C SER C 17 -31.15 -7.77 -50.67
N GLN C 18 -32.06 -6.80 -50.55
CA GLN C 18 -32.24 -6.03 -49.32
C GLN C 18 -33.35 -6.64 -48.45
N LEU C 19 -33.01 -7.01 -47.21
CA LEU C 19 -33.95 -7.61 -46.26
C LEU C 19 -34.74 -6.55 -45.52
N GLY C 20 -34.07 -5.48 -45.11
CA GLY C 20 -34.74 -4.33 -44.52
C GLY C 20 -33.90 -3.07 -44.44
N LYS C 21 -34.54 -1.97 -44.02
CA LYS C 21 -33.94 -0.64 -44.06
C LYS C 21 -34.44 0.24 -42.91
N GLY C 22 -33.52 0.61 -42.01
CA GLY C 22 -33.82 1.53 -40.91
C GLY C 22 -33.75 2.99 -41.34
N ASN C 23 -33.74 3.89 -40.35
CA ASN C 23 -33.68 5.33 -40.60
C ASN C 23 -32.30 5.78 -41.13
N PHE C 24 -31.23 5.18 -40.60
CA PHE C 24 -29.86 5.47 -41.01
C PHE C 24 -29.05 4.27 -41.53
N GLY C 25 -29.63 3.07 -41.52
CA GLY C 25 -28.93 1.83 -41.92
C GLY C 25 -29.77 0.91 -42.78
N SER C 26 -29.14 -0.17 -43.24
CA SER C 26 -29.82 -1.20 -44.04
C SER C 26 -29.24 -2.59 -43.80
N VAL C 27 -30.11 -3.60 -43.92
CA VAL C 27 -29.71 -5.01 -43.83
C VAL C 27 -29.96 -5.64 -45.19
N GLU C 28 -28.97 -6.38 -45.69
CA GLU C 28 -29.07 -7.04 -46.99
C GLU C 28 -28.65 -8.50 -46.93
N LEU C 29 -29.37 -9.33 -47.69
CA LEU C 29 -29.05 -10.74 -47.82
C LEU C 29 -27.82 -10.90 -48.71
N CYS C 30 -26.80 -11.57 -48.19
CA CYS C 30 -25.58 -11.90 -48.93
C CYS C 30 -25.26 -13.38 -48.79
N ARG C 31 -24.48 -13.88 -49.75
CA ARG C 31 -23.86 -15.19 -49.63
C ARG C 31 -22.35 -14.98 -49.52
N TYR C 32 -21.74 -15.64 -48.54
CA TYR C 32 -20.29 -15.57 -48.33
C TYR C 32 -19.65 -16.89 -48.80
N ASP C 33 -18.97 -16.84 -49.94
CA ASP C 33 -18.16 -17.98 -50.43
C ASP C 33 -16.78 -17.53 -50.95
N PRO C 34 -15.72 -17.80 -50.18
CA PRO C 34 -14.33 -17.69 -50.68
C PRO C 34 -14.04 -18.54 -51.93
N LEU C 35 -14.69 -19.70 -52.04
CA LEU C 35 -14.54 -20.58 -53.19
C LEU C 35 -15.12 -19.99 -54.49
N GLY C 36 -16.19 -19.22 -54.36
CA GLY C 36 -16.80 -18.51 -55.50
C GLY C 36 -17.58 -19.42 -56.44
N ASP C 37 -18.39 -20.30 -55.86
CA ASP C 37 -19.20 -21.29 -56.61
C ASP C 37 -20.59 -21.47 -55.97
N ASN C 38 -21.14 -20.38 -55.42
CA ASN C 38 -22.42 -20.35 -54.68
C ASN C 38 -22.74 -21.56 -53.77
N THR C 39 -21.72 -22.06 -53.09
CA THR C 39 -21.83 -23.17 -52.13
C THR C 39 -21.91 -22.66 -50.68
N GLY C 40 -21.40 -21.45 -50.44
CA GLY C 40 -21.27 -20.88 -49.10
C GLY C 40 -22.56 -20.45 -48.44
N ALA C 41 -22.46 -20.03 -47.18
CA ALA C 41 -23.62 -19.74 -46.34
C ALA C 41 -24.27 -18.41 -46.67
N LEU C 42 -25.59 -18.37 -46.61
CA LEU C 42 -26.35 -17.12 -46.66
C LEU C 42 -26.25 -16.44 -45.30
N VAL C 43 -26.00 -15.12 -45.32
CA VAL C 43 -25.83 -14.31 -44.12
C VAL C 43 -26.56 -12.97 -44.28
N ALA C 44 -27.04 -12.44 -43.16
CA ALA C 44 -27.66 -11.10 -43.13
C ALA C 44 -26.60 -10.11 -42.68
N VAL C 45 -26.37 -9.08 -43.49
CA VAL C 45 -25.27 -8.14 -43.30
C VAL C 45 -25.81 -6.72 -43.15
N LYS C 46 -25.55 -6.10 -41.99
CA LYS C 46 -25.97 -4.71 -41.74
C LYS C 46 -24.82 -3.73 -41.99
N GLN C 47 -25.16 -2.58 -42.56
CA GLN C 47 -24.22 -1.48 -42.81
C GLN C 47 -24.95 -0.14 -42.79
N LEU C 48 -24.23 0.93 -42.48
CA LEU C 48 -24.79 2.28 -42.41
C LEU C 48 -24.80 2.95 -43.79
N GLN C 49 -25.81 3.78 -44.03
CA GLN C 49 -25.99 4.50 -45.30
C GLN C 49 -25.91 6.02 -45.07
N HIS C 50 -24.86 6.63 -45.62
CA HIS C 50 -24.51 8.06 -45.42
C HIS C 50 -24.87 8.61 -44.04
N SER C 51 -24.33 7.94 -43.02
CA SER C 51 -24.60 8.25 -41.62
C SER C 51 -23.71 9.38 -41.10
N GLY C 52 -24.09 9.92 -39.94
CA GLY C 52 -23.28 10.88 -39.20
C GLY C 52 -22.42 10.20 -38.14
N PRO C 53 -21.57 10.98 -37.43
CA PRO C 53 -20.76 10.44 -36.33
C PRO C 53 -21.56 9.74 -35.22
N ASP C 54 -22.71 10.31 -34.86
CA ASP C 54 -23.58 9.77 -33.79
C ASP C 54 -24.05 8.34 -34.08
N GLN C 55 -24.34 8.05 -35.35
CA GLN C 55 -24.81 6.75 -35.79
C GLN C 55 -23.68 5.73 -35.95
N GLN C 56 -22.51 6.19 -36.39
N GLN C 56 -22.52 6.20 -36.38
CA GLN C 56 -21.29 5.38 -36.45
CA GLN C 56 -21.29 5.38 -36.45
C GLN C 56 -20.91 4.85 -35.07
C GLN C 56 -20.88 4.85 -35.07
N ARG C 57 -20.96 5.72 -34.06
CA ARG C 57 -20.69 5.33 -32.67
C ARG C 57 -21.73 4.37 -32.09
N ASP C 58 -23.01 4.63 -32.36
CA ASP C 58 -24.10 3.73 -31.96
C ASP C 58 -23.97 2.35 -32.61
N PHE C 59 -23.59 2.33 -33.89
CA PHE C 59 -23.33 1.08 -34.63
C PHE C 59 -22.19 0.26 -34.03
N GLN C 60 -21.11 0.94 -33.62
CA GLN C 60 -19.99 0.29 -32.94
C GLN C 60 -20.41 -0.35 -31.61
N ARG C 61 -21.30 0.31 -30.86
CA ARG C 61 -21.88 -0.26 -29.63
C ARG C 61 -22.80 -1.46 -29.92
N GLU C 62 -23.60 -1.37 -30.98
CA GLU C 62 -24.50 -2.47 -31.39
C GLU C 62 -23.76 -3.77 -31.71
N ILE C 63 -22.63 -3.64 -32.41
CA ILE C 63 -21.79 -4.78 -32.79
C ILE C 63 -21.22 -5.50 -31.55
N GLN C 64 -20.74 -4.73 -30.57
CA GLN C 64 -20.14 -5.30 -29.36
C GLN C 64 -21.17 -5.90 -28.42
N ILE C 65 -22.36 -5.28 -28.35
CA ILE C 65 -23.48 -5.83 -27.58
C ILE C 65 -23.90 -7.18 -28.19
N LEU C 66 -24.14 -7.20 -29.50
CA LEU C 66 -24.61 -8.41 -30.19
C LEU C 66 -23.60 -9.57 -30.15
N LYS C 67 -22.32 -9.24 -30.34
CA LYS C 67 -21.20 -10.19 -30.22
C LYS C 67 -21.14 -10.88 -28.85
N ALA C 68 -21.46 -10.13 -27.79
CA ALA C 68 -21.41 -10.63 -26.41
C ALA C 68 -22.62 -11.48 -26.01
N LEU C 69 -23.77 -11.25 -26.63
CA LEU C 69 -25.01 -11.96 -26.28
C LEU C 69 -25.08 -13.36 -26.88
N HIS C 70 -25.36 -14.36 -26.04
CA HIS C 70 -25.46 -15.76 -26.45
C HIS C 70 -26.76 -16.37 -25.92
N SER C 71 -27.74 -16.49 -26.81
CA SER C 71 -29.05 -17.04 -26.48
C SER C 71 -29.70 -17.63 -27.74
N ASP C 72 -30.52 -18.66 -27.55
CA ASP C 72 -31.27 -19.28 -28.65
C ASP C 72 -32.45 -18.42 -29.13
N PHE C 73 -32.81 -17.39 -28.37
CA PHE C 73 -33.93 -16.50 -28.70
C PHE C 73 -33.47 -15.07 -29.05
N ILE C 74 -32.19 -14.92 -29.39
CA ILE C 74 -31.62 -13.64 -29.85
C ILE C 74 -30.81 -13.93 -31.11
N VAL C 75 -30.99 -13.07 -32.12
CA VAL C 75 -30.32 -13.24 -33.42
C VAL C 75 -28.81 -13.33 -33.21
N LYS C 76 -28.19 -14.31 -33.87
CA LYS C 76 -26.79 -14.65 -33.64
C LYS C 76 -25.82 -13.77 -34.45
N TYR C 77 -24.86 -13.18 -33.74
CA TYR C 77 -23.68 -12.54 -34.34
C TYR C 77 -22.82 -13.59 -35.04
N ARG C 78 -22.44 -13.31 -36.29
CA ARG C 78 -21.49 -14.14 -37.04
C ARG C 78 -20.10 -13.49 -37.12
N GLY C 79 -20.06 -12.19 -37.42
CA GLY C 79 -18.78 -11.50 -37.53
C GLY C 79 -18.85 -10.08 -38.07
N VAL C 80 -17.68 -9.58 -38.50
CA VAL C 80 -17.58 -8.25 -39.13
C VAL C 80 -16.80 -8.28 -40.43
N SER C 81 -16.96 -7.21 -41.19
CA SER C 81 -16.24 -6.97 -42.44
C SER C 81 -15.88 -5.49 -42.53
N TYR C 82 -14.66 -5.20 -42.96
CA TYR C 82 -14.13 -3.82 -43.01
C TYR C 82 -14.07 -3.32 -44.45
N GLN C 87 -12.45 0.84 -45.32
CA GLN C 87 -13.57 1.45 -46.05
C GLN C 87 -14.78 1.70 -45.11
N SER C 88 -15.77 0.80 -45.11
CA SER C 88 -17.00 0.96 -44.31
C SER C 88 -17.29 -0.33 -43.53
N LEU C 89 -17.70 -0.17 -42.27
CA LEU C 89 -17.91 -1.28 -41.34
C LEU C 89 -19.24 -1.99 -41.61
N ARG C 90 -19.21 -3.32 -41.61
CA ARG C 90 -20.41 -4.14 -41.87
C ARG C 90 -20.55 -5.25 -40.82
N LEU C 91 -21.78 -5.43 -40.33
CA LEU C 91 -22.09 -6.39 -39.26
C LEU C 91 -22.70 -7.64 -39.87
N VAL C 92 -22.01 -8.78 -39.71
CA VAL C 92 -22.45 -10.04 -40.29
C VAL C 92 -23.21 -10.83 -39.23
N MET C 93 -24.47 -11.16 -39.53
CA MET C 93 -25.34 -11.94 -38.66
C MET C 93 -25.86 -13.16 -39.41
N GLU C 94 -26.48 -14.07 -38.68
CA GLU C 94 -27.12 -15.24 -39.30
C GLU C 94 -28.35 -14.78 -40.10
N TYR C 95 -28.69 -15.54 -41.14
CA TYR C 95 -29.88 -15.29 -41.96
C TYR C 95 -31.03 -16.14 -41.45
N LEU C 96 -32.19 -15.51 -41.19
CA LEU C 96 -33.42 -16.20 -40.78
C LEU C 96 -34.47 -16.10 -41.88
N PRO C 97 -34.66 -17.18 -42.67
CA PRO C 97 -35.37 -17.10 -43.96
C PRO C 97 -36.84 -16.69 -43.92
N SER C 98 -37.55 -17.01 -42.85
CA SER C 98 -39.01 -16.76 -42.77
C SER C 98 -39.40 -15.28 -42.54
N GLY C 99 -38.44 -14.41 -42.24
CA GLY C 99 -38.68 -12.97 -42.11
C GLY C 99 -39.11 -12.56 -40.71
N CYS C 100 -39.77 -11.40 -40.62
CA CYS C 100 -40.20 -10.86 -39.32
C CYS C 100 -41.54 -11.47 -38.89
N LEU C 101 -41.76 -11.50 -37.58
CA LEU C 101 -42.93 -12.13 -36.98
C LEU C 101 -44.23 -11.41 -37.35
N ARG C 102 -44.16 -10.08 -37.46
CA ARG C 102 -45.32 -9.25 -37.85
C ARG C 102 -45.93 -9.72 -39.17
N ASP C 103 -45.09 -9.85 -40.20
CA ASP C 103 -45.51 -10.35 -41.52
C ASP C 103 -45.97 -11.83 -41.48
N PHE C 104 -45.32 -12.61 -40.63
CA PHE C 104 -45.59 -14.06 -40.48
C PHE C 104 -47.01 -14.34 -39.95
N LEU C 105 -47.40 -13.61 -38.91
CA LEU C 105 -48.73 -13.74 -38.30
C LEU C 105 -49.85 -13.36 -39.27
N GLN C 106 -49.62 -12.29 -40.03
CA GLN C 106 -50.56 -11.82 -41.06
C GLN C 106 -50.71 -12.83 -42.21
N ARG C 107 -49.59 -13.40 -42.64
CA ARG C 107 -49.57 -14.37 -43.74
C ARG C 107 -50.22 -15.71 -43.34
N HIS C 108 -49.81 -16.25 -42.21
CA HIS C 108 -50.26 -17.59 -41.74
C HIS C 108 -51.33 -17.52 -40.63
N ARG C 109 -52.17 -16.49 -40.67
CA ARG C 109 -53.21 -16.23 -39.64
C ARG C 109 -54.19 -17.40 -39.44
N ALA C 110 -54.66 -17.98 -40.53
CA ALA C 110 -55.68 -19.05 -40.50
C ALA C 110 -55.19 -20.40 -39.94
N ARG C 111 -53.87 -20.61 -39.92
CA ARG C 111 -53.26 -21.88 -39.46
C ARG C 111 -52.46 -21.77 -38.14
N LEU C 112 -52.41 -20.57 -37.55
CA LEU C 112 -51.75 -20.35 -36.26
C LEU C 112 -52.80 -20.19 -35.16
N ASP C 113 -52.83 -21.15 -34.23
CA ASP C 113 -53.82 -21.16 -33.14
C ASP C 113 -53.35 -20.37 -31.91
N ALA C 114 -54.24 -20.24 -30.92
CA ALA C 114 -53.97 -19.50 -29.68
C ALA C 114 -52.80 -20.08 -28.86
N SER C 115 -52.61 -21.40 -28.94
CA SER C 115 -51.48 -22.08 -28.30
C SER C 115 -50.13 -21.72 -28.91
N ARG C 116 -50.11 -21.55 -30.24
CA ARG C 116 -48.89 -21.16 -30.97
C ARG C 116 -48.42 -19.74 -30.63
N LEU C 117 -49.35 -18.87 -30.27
CA LEU C 117 -49.02 -17.50 -29.86
C LEU C 117 -48.37 -17.45 -28.49
N LEU C 118 -48.75 -18.37 -27.59
CA LEU C 118 -48.05 -18.56 -26.30
C LEU C 118 -46.62 -19.08 -26.46
N LEU C 119 -46.41 -19.96 -27.44
CA LEU C 119 -45.08 -20.46 -27.76
C LEU C 119 -44.12 -19.33 -28.13
N TYR C 120 -44.59 -18.43 -29.00
CA TYR C 120 -43.79 -17.27 -29.42
C TYR C 120 -43.55 -16.31 -28.25
N SER C 121 -44.60 -16.03 -27.48
CA SER C 121 -44.51 -15.21 -26.26
C SER C 121 -43.45 -15.72 -25.29
N SER C 122 -43.49 -17.02 -25.02
CA SER C 122 -42.53 -17.70 -24.14
C SER C 122 -41.08 -17.53 -24.61
N GLN C 123 -40.86 -17.74 -25.90
CA GLN C 123 -39.53 -17.60 -26.50
C GLN C 123 -39.02 -16.16 -26.47
N ILE C 124 -39.91 -15.22 -26.76
CA ILE C 124 -39.62 -13.79 -26.63
C ILE C 124 -39.34 -13.41 -25.17
N CYS C 125 -40.11 -13.97 -24.24
CA CYS C 125 -39.94 -13.70 -22.81
C CYS C 125 -38.60 -14.22 -22.26
N LYS C 126 -38.25 -15.45 -22.65
CA LYS C 126 -36.93 -16.03 -22.35
C LYS C 126 -35.78 -15.18 -22.89
N GLY C 127 -35.94 -14.72 -24.13
CA GLY C 127 -34.97 -13.81 -24.76
C GLY C 127 -34.80 -12.50 -24.01
N MET C 128 -35.91 -11.93 -23.56
CA MET C 128 -35.88 -10.70 -22.77
C MET C 128 -35.40 -10.91 -21.33
N GLU C 129 -35.61 -12.10 -20.79
CA GLU C 129 -35.10 -12.46 -19.46
C GLU C 129 -33.57 -12.51 -19.49
N TYR C 130 -33.03 -13.08 -20.57
CA TYR C 130 -31.58 -13.17 -20.76
C TYR C 130 -30.95 -11.79 -20.94
N LEU C 131 -31.55 -10.95 -21.77
CA LEU C 131 -31.07 -9.56 -21.96
C LEU C 131 -31.00 -8.80 -20.65
N GLY C 132 -32.02 -8.97 -19.81
CA GLY C 132 -32.04 -8.40 -18.45
C GLY C 132 -30.90 -8.90 -17.56
N SER C 133 -30.51 -10.17 -17.72
CA SER C 133 -29.35 -10.72 -17.00
C SER C 133 -28.02 -10.10 -17.46
N ARG C 134 -27.96 -9.69 -18.72
CA ARG C 134 -26.79 -8.98 -19.28
C ARG C 134 -26.87 -7.45 -19.10
N ARG C 135 -27.90 -6.98 -18.39
CA ARG C 135 -28.07 -5.56 -18.04
C ARG C 135 -28.25 -4.66 -19.28
N CYS C 136 -28.96 -5.21 -20.26
CA CYS C 136 -29.18 -4.59 -21.56
C CYS C 136 -30.66 -4.27 -21.72
N VAL C 137 -30.95 -3.04 -22.15
CA VAL C 137 -32.31 -2.62 -22.51
C VAL C 137 -32.41 -2.59 -24.05
N HIS C 138 -33.40 -3.27 -24.60
CA HIS C 138 -33.57 -3.38 -26.05
C HIS C 138 -34.06 -2.06 -26.66
N ARG C 139 -35.08 -1.48 -26.02
CA ARG C 139 -35.70 -0.18 -26.37
C ARG C 139 -36.63 -0.16 -27.59
N ASP C 140 -36.60 -1.22 -28.41
CA ASP C 140 -37.36 -1.28 -29.66
C ASP C 140 -38.08 -2.63 -29.79
N LEU C 141 -38.49 -3.21 -28.65
CA LEU C 141 -39.13 -4.53 -28.65
C LEU C 141 -40.52 -4.46 -29.28
N ALA C 142 -40.62 -4.96 -30.51
CA ALA C 142 -41.87 -4.98 -31.27
C ALA C 142 -41.86 -6.17 -32.25
N ALA C 143 -43.04 -6.60 -32.68
CA ALA C 143 -43.19 -7.76 -33.59
C ALA C 143 -42.41 -7.59 -34.90
N ARG C 144 -42.33 -6.34 -35.37
CA ARG C 144 -41.47 -5.99 -36.52
C ARG C 144 -39.99 -6.36 -36.34
N ASN C 145 -39.51 -6.35 -35.09
CA ASN C 145 -38.13 -6.70 -34.74
C ASN C 145 -37.92 -8.12 -34.20
N ILE C 146 -39.00 -8.92 -34.12
CA ILE C 146 -38.90 -10.36 -33.81
C ILE C 146 -38.78 -11.11 -35.14
N LEU C 147 -37.76 -11.94 -35.27
CA LEU C 147 -37.54 -12.75 -36.48
C LEU C 147 -38.03 -14.19 -36.28
N VAL C 148 -38.42 -14.81 -37.40
CA VAL C 148 -38.91 -16.18 -37.42
C VAL C 148 -37.84 -17.07 -38.05
N GLU C 149 -37.40 -18.09 -37.30
CA GLU C 149 -36.47 -19.10 -37.80
C GLU C 149 -37.27 -20.22 -38.47
N SER C 150 -38.21 -20.77 -37.71
CA SER C 150 -39.16 -21.78 -38.20
C SER C 150 -40.55 -21.50 -37.61
N GLU C 151 -41.53 -22.33 -37.98
CA GLU C 151 -42.90 -22.24 -37.42
C GLU C 151 -42.94 -22.37 -35.89
N ALA C 152 -41.99 -23.12 -35.33
CA ALA C 152 -41.93 -23.36 -33.87
C ALA C 152 -40.93 -22.49 -33.10
N HIS C 153 -40.13 -21.66 -33.80
CA HIS C 153 -39.05 -20.89 -33.15
C HIS C 153 -38.95 -19.44 -33.65
N VAL C 154 -38.79 -18.50 -32.71
CA VAL C 154 -38.51 -17.08 -33.02
C VAL C 154 -37.32 -16.53 -32.25
N LYS C 155 -36.81 -15.39 -32.72
CA LYS C 155 -35.63 -14.72 -32.15
C LYS C 155 -35.79 -13.20 -32.19
N ILE C 156 -35.43 -12.53 -31.10
CA ILE C 156 -35.43 -11.07 -31.00
C ILE C 156 -34.25 -10.55 -31.85
N ALA C 157 -34.48 -9.46 -32.57
CA ALA C 157 -33.48 -8.86 -33.45
C ALA C 157 -33.49 -7.32 -33.37
N ASP C 158 -32.62 -6.68 -34.15
CA ASP C 158 -32.49 -5.22 -34.24
C ASP C 158 -32.07 -4.59 -32.91
N PHE C 159 -30.76 -4.57 -32.68
CA PHE C 159 -30.17 -4.00 -31.47
C PHE C 159 -29.56 -2.61 -31.70
N GLY C 160 -30.06 -1.91 -32.73
CA GLY C 160 -29.59 -0.57 -33.09
C GLY C 160 -29.83 0.49 -32.02
N LEU C 161 -30.95 0.36 -31.32
CA LEU C 161 -31.29 1.24 -30.19
C LEU C 161 -30.99 0.64 -28.81
N ALA C 162 -30.25 -0.47 -28.77
CA ALA C 162 -29.96 -1.19 -27.53
C ALA C 162 -28.98 -0.40 -26.66
N LYS C 163 -29.29 -0.34 -25.36
CA LYS C 163 -28.52 0.41 -24.38
C LYS C 163 -28.20 -0.49 -23.20
N LEU C 164 -26.93 -0.51 -22.78
CA LEU C 164 -26.53 -1.19 -21.56
C LEU C 164 -26.72 -0.26 -20.37
N LEU C 165 -27.27 -0.78 -19.28
CA LEU C 165 -27.49 0.00 -18.05
C LEU C 165 -26.15 0.38 -17.41
N PRO C 166 -26.07 1.55 -16.74
CA PRO C 166 -24.91 1.86 -15.90
C PRO C 166 -24.77 0.83 -14.79
N LEU C 167 -23.53 0.44 -14.47
CA LEU C 167 -23.29 -0.69 -13.54
C LEU C 167 -23.87 -0.46 -12.13
N ASP C 168 -24.05 0.80 -11.74
CA ASP C 168 -24.63 1.18 -10.44
C ASP C 168 -26.14 1.53 -10.44
N LYS C 169 -26.75 1.63 -11.62
CA LYS C 169 -28.14 2.11 -11.77
C LYS C 169 -28.98 1.14 -12.62
N ASP C 170 -30.24 0.92 -12.24
CA ASP C 170 -31.15 0.05 -13.00
C ASP C 170 -32.05 0.81 -14.00
N PTR C 171 -31.56 1.95 -14.49
CA PTR C 171 -32.28 2.75 -15.48
C PTR C 171 -31.32 3.67 -16.24
O PTR C 171 -30.20 3.90 -15.79
CB PTR C 171 -33.41 3.59 -14.87
CG PTR C 171 -32.93 4.72 -13.98
CD1 PTR C 171 -32.30 4.47 -12.76
CD2 PTR C 171 -33.11 6.05 -14.36
CE1 PTR C 171 -31.86 5.52 -11.94
CE2 PTR C 171 -32.69 7.10 -13.55
CZ PTR C 171 -32.05 6.82 -12.34
OH PTR C 171 -31.67 7.74 -11.60
P PTR C 171 -30.54 8.80 -12.03
O1P PTR C 171 -29.41 8.11 -12.80
O2P PTR C 171 -31.18 9.90 -12.90
O3P PTR C 171 -29.99 9.41 -10.79
N PTR C 172 -31.78 4.20 -17.38
CA PTR C 172 -30.97 5.06 -18.23
C PTR C 172 -31.85 6.12 -18.90
O PTR C 172 -32.81 5.77 -19.59
CB PTR C 172 -30.23 4.21 -19.28
CG PTR C 172 -29.12 4.87 -20.09
CD1 PTR C 172 -28.54 4.19 -21.15
CD2 PTR C 172 -28.62 6.15 -19.79
CE1 PTR C 172 -27.51 4.75 -21.91
CE2 PTR C 172 -27.61 6.73 -20.54
CZ PTR C 172 -27.05 6.03 -21.60
OH PTR C 172 -26.15 6.55 -22.26
P PTR C 172 -26.43 7.23 -23.70
O1P PTR C 172 -25.21 8.06 -24.13
O2P PTR C 172 -26.70 6.14 -24.75
O3P PTR C 172 -27.61 8.12 -23.60
N VAL C 173 -31.51 7.39 -18.69
CA VAL C 173 -32.19 8.52 -19.34
C VAL C 173 -31.48 8.80 -20.67
N VAL C 174 -32.20 8.64 -21.79
CA VAL C 174 -31.68 8.99 -23.11
C VAL C 174 -31.93 10.47 -23.43
N ARG C 175 -30.94 11.13 -24.03
CA ARG C 175 -31.02 12.57 -24.35
C ARG C 175 -31.79 12.81 -25.65
N GLU C 176 -31.41 12.08 -26.70
CA GLU C 176 -32.08 12.16 -27.99
C GLU C 176 -33.51 11.58 -27.89
N PRO C 177 -34.54 12.36 -28.28
CA PRO C 177 -35.88 11.79 -28.39
C PRO C 177 -35.96 10.62 -29.39
N GLY C 178 -36.61 9.53 -28.98
CA GLY C 178 -36.72 8.34 -29.82
C GLY C 178 -37.61 8.55 -31.04
N GLN C 179 -36.99 8.82 -32.18
CA GLN C 179 -37.70 8.98 -33.46
C GLN C 179 -38.20 7.62 -33.95
N SER C 180 -39.27 7.15 -33.31
CA SER C 180 -39.81 5.81 -33.54
C SER C 180 -41.28 5.75 -33.07
N PRO C 181 -41.98 4.62 -33.29
CA PRO C 181 -43.34 4.48 -32.78
C PRO C 181 -43.50 4.70 -31.27
N ILE C 182 -44.21 5.77 -30.91
CA ILE C 182 -44.50 6.10 -29.51
C ILE C 182 -45.47 5.12 -28.79
N PHE C 183 -46.12 4.25 -29.57
CA PHE C 183 -47.18 3.36 -29.06
C PHE C 183 -46.68 2.08 -28.37
N TRP C 184 -45.36 1.89 -28.35
CA TRP C 184 -44.71 0.82 -27.57
C TRP C 184 -44.00 1.34 -26.31
N TYR C 185 -43.93 2.66 -26.14
CA TYR C 185 -43.17 3.27 -25.04
C TYR C 185 -43.97 3.31 -23.73
N ALA C 186 -43.28 3.07 -22.61
CA ALA C 186 -43.86 3.24 -21.28
C ALA C 186 -44.03 4.73 -20.94
N PRO C 187 -44.95 5.07 -20.01
CA PRO C 187 -45.17 6.48 -19.62
C PRO C 187 -43.92 7.23 -19.15
N GLU C 188 -43.09 6.60 -18.33
CA GLU C 188 -41.82 7.22 -17.88
C GLU C 188 -40.81 7.43 -19.03
N SER C 189 -40.92 6.63 -20.09
CA SER C 189 -40.17 6.85 -21.32
C SER C 189 -40.73 8.04 -22.11
N LEU C 190 -42.05 8.20 -22.12
CA LEU C 190 -42.71 9.34 -22.78
C LEU C 190 -42.46 10.65 -22.04
N SER C 191 -42.63 10.63 -20.72
CA SER C 191 -42.55 11.85 -19.90
C SER C 191 -41.12 12.34 -19.65
N ASP C 192 -40.21 11.42 -19.35
CA ASP C 192 -38.84 11.75 -18.90
C ASP C 192 -37.70 11.07 -19.69
N ASN C 193 -38.04 10.41 -20.80
CA ASN C 193 -37.06 9.65 -21.60
C ASN C 193 -36.28 8.61 -20.79
N ILE C 194 -36.94 8.01 -19.79
CA ILE C 194 -36.36 6.99 -18.92
C ILE C 194 -36.64 5.62 -19.52
N PHE C 195 -35.58 4.84 -19.71
CA PHE C 195 -35.69 3.47 -20.20
C PHE C 195 -34.99 2.52 -19.23
N SER C 196 -35.53 1.30 -19.15
CA SER C 196 -35.04 0.28 -18.22
C SER C 196 -35.53 -1.10 -18.64
N ARG C 197 -35.17 -2.13 -17.86
CA ARG C 197 -35.77 -3.47 -18.03
C ARG C 197 -37.29 -3.43 -17.88
N GLN C 198 -37.77 -2.54 -17.02
CA GLN C 198 -39.21 -2.37 -16.75
C GLN C 198 -39.97 -1.69 -17.90
N SER C 199 -39.30 -0.80 -18.62
CA SER C 199 -39.87 -0.19 -19.84
C SER C 199 -39.97 -1.20 -20.98
N ASP C 200 -39.00 -2.12 -21.06
CA ASP C 200 -39.07 -3.25 -21.99
C ASP C 200 -40.24 -4.19 -21.68
N VAL C 201 -40.53 -4.40 -20.39
CA VAL C 201 -41.70 -5.18 -19.95
C VAL C 201 -43.01 -4.57 -20.47
N TRP C 202 -43.12 -3.24 -20.36
CA TRP C 202 -44.25 -2.50 -20.93
C TRP C 202 -44.40 -2.84 -22.42
N SER C 203 -43.30 -2.72 -23.15
CA SER C 203 -43.26 -3.02 -24.58
C SER C 203 -43.60 -4.48 -24.90
N PHE C 204 -43.17 -5.41 -24.04
CA PHE C 204 -43.53 -6.83 -24.16
C PHE C 204 -45.05 -7.03 -24.06
N GLY C 205 -45.68 -6.30 -23.15
CA GLY C 205 -47.15 -6.22 -23.08
C GLY C 205 -47.78 -5.85 -24.41
N VAL C 206 -47.18 -4.87 -25.10
CA VAL C 206 -47.64 -4.44 -26.42
C VAL C 206 -47.37 -5.54 -27.45
N VAL C 207 -46.24 -6.24 -27.32
CA VAL C 207 -45.92 -7.40 -28.17
C VAL C 207 -46.92 -8.54 -27.99
N LEU C 208 -47.39 -8.76 -26.77
CA LEU C 208 -48.47 -9.73 -26.52
C LEU C 208 -49.77 -9.30 -27.21
N TYR C 209 -50.10 -8.02 -27.14
CA TYR C 209 -51.25 -7.46 -27.86
C TYR C 209 -51.14 -7.73 -29.37
N GLU C 210 -49.96 -7.50 -29.92
CA GLU C 210 -49.68 -7.76 -31.35
C GLU C 210 -49.94 -9.20 -31.77
N LEU C 211 -49.45 -10.15 -30.96
CA LEU C 211 -49.61 -11.59 -31.24
C LEU C 211 -51.08 -12.01 -31.31
N PHE C 212 -51.83 -11.71 -30.27
CA PHE C 212 -53.24 -12.11 -30.16
C PHE C 212 -54.23 -11.23 -30.95
N THR C 213 -53.71 -10.18 -31.60
CA THR C 213 -54.38 -9.53 -32.74
C THR C 213 -53.83 -10.01 -34.10
N TYR C 214 -52.87 -10.94 -34.09
CA TYR C 214 -52.14 -11.42 -35.28
C TYR C 214 -51.51 -10.29 -36.12
N CYS C 215 -51.12 -9.20 -35.46
CA CYS C 215 -50.66 -7.96 -36.11
C CYS C 215 -51.66 -7.42 -37.16
N ASP C 216 -52.95 -7.41 -36.80
CA ASP C 216 -54.01 -6.90 -37.68
C ASP C 216 -53.96 -5.37 -37.64
N LYS C 217 -53.95 -4.76 -38.81
CA LYS C 217 -53.76 -3.30 -38.95
C LYS C 217 -54.98 -2.48 -38.52
N SER C 218 -56.18 -3.05 -38.69
CA SER C 218 -57.43 -2.41 -38.23
C SER C 218 -57.58 -2.37 -36.70
N CYS C 219 -56.69 -3.03 -35.96
CA CYS C 219 -56.63 -2.90 -34.50
C CYS C 219 -55.19 -2.93 -33.99
N SER C 220 -54.28 -2.27 -34.73
CA SER C 220 -52.88 -2.10 -34.30
C SER C 220 -52.79 -1.10 -33.15
N PRO C 221 -51.68 -1.13 -32.38
CA PRO C 221 -51.49 -0.14 -31.30
C PRO C 221 -51.67 1.32 -31.75
N SER C 222 -51.11 1.67 -32.91
CA SER C 222 -51.29 3.01 -33.49
C SER C 222 -52.76 3.26 -33.86
N ALA C 223 -53.38 2.31 -34.53
CA ALA C 223 -54.80 2.40 -34.92
C ALA C 223 -55.73 2.63 -33.73
N GLU C 224 -55.50 1.89 -32.65
CA GLU C 224 -56.31 2.01 -31.43
C GLU C 224 -56.08 3.33 -30.69
N PHE C 225 -54.80 3.66 -30.46
CA PHE C 225 -54.44 4.87 -29.71
C PHE C 225 -54.80 6.17 -30.45
N LEU C 226 -54.59 6.20 -31.76
CA LEU C 226 -54.92 7.38 -32.57
C LEU C 226 -56.41 7.75 -32.53
N ARG C 227 -57.28 6.74 -32.44
CA ARG C 227 -58.72 6.95 -32.24
C ARG C 227 -59.01 7.58 -30.87
N MET C 228 -58.38 7.03 -29.83
CA MET C 228 -58.48 7.59 -28.47
C MET C 228 -57.89 9.00 -28.38
N MET C 229 -56.80 9.23 -29.12
CA MET C 229 -56.13 10.54 -29.15
C MET C 229 -56.91 11.62 -29.88
N GLY C 230 -57.76 11.22 -30.83
CA GLY C 230 -58.67 12.16 -31.52
C GLY C 230 -59.70 12.74 -30.56
N SER C 231 -60.08 13.98 -30.81
CA SER C 231 -60.94 14.78 -29.91
C SER C 231 -60.25 15.08 -28.59
N PRO C 236 -50.03 17.97 -29.94
CA PRO C 236 -48.89 17.08 -29.74
C PRO C 236 -49.35 15.64 -29.51
N ALA C 237 -48.91 14.73 -30.37
CA ALA C 237 -49.25 13.31 -30.27
C ALA C 237 -48.64 12.64 -29.05
N LEU C 238 -47.40 13.00 -28.74
CA LEU C 238 -46.66 12.42 -27.61
C LEU C 238 -47.25 12.82 -26.25
N SER C 239 -47.64 14.09 -26.12
CA SER C 239 -48.25 14.62 -24.88
C SER C 239 -49.67 14.09 -24.65
N ARG C 240 -50.42 13.88 -25.73
CA ARG C 240 -51.78 13.34 -25.65
C ARG C 240 -51.79 11.84 -25.32
N LEU C 241 -50.84 11.09 -25.88
CA LEU C 241 -50.72 9.66 -25.58
C LEU C 241 -50.36 9.44 -24.11
N LEU C 242 -49.35 10.16 -23.63
CA LEU C 242 -48.94 10.16 -22.22
C LEU C 242 -50.13 10.44 -21.28
N GLU C 243 -50.92 11.44 -21.65
CA GLU C 243 -52.13 11.83 -20.90
C GLU C 243 -53.14 10.68 -20.77
N LEU C 244 -53.37 9.98 -21.89
CA LEU C 244 -54.25 8.79 -21.89
C LEU C 244 -53.72 7.67 -20.98
N LEU C 245 -52.42 7.41 -21.05
CA LEU C 245 -51.79 6.40 -20.19
C LEU C 245 -51.78 6.79 -18.72
N GLU C 246 -51.52 8.06 -18.43
CA GLU C 246 -51.63 8.60 -17.06
C GLU C 246 -53.08 8.51 -16.54
N GLU C 247 -54.04 8.80 -17.41
CA GLU C 247 -55.48 8.67 -17.10
C GLU C 247 -55.97 7.22 -16.93
N GLY C 248 -55.17 6.25 -17.39
CA GLY C 248 -55.47 4.82 -17.22
C GLY C 248 -56.05 4.12 -18.44
N GLN C 249 -56.06 4.81 -19.59
CA GLN C 249 -56.52 4.22 -20.84
C GLN C 249 -55.49 3.25 -21.39
N ARG C 250 -55.92 2.04 -21.74
CA ARG C 250 -55.04 1.00 -22.27
C ARG C 250 -55.61 0.43 -23.56
N LEU C 251 -54.78 -0.32 -24.28
CA LEU C 251 -55.24 -1.09 -25.44
C LEU C 251 -56.22 -2.17 -24.96
N PRO C 252 -57.25 -2.47 -25.78
CA PRO C 252 -58.29 -3.40 -25.35
C PRO C 252 -57.84 -4.86 -25.38
N ALA C 253 -58.64 -5.74 -24.79
CA ALA C 253 -58.45 -7.18 -24.92
C ALA C 253 -58.66 -7.53 -26.39
N PRO C 254 -57.65 -8.18 -27.04
CA PRO C 254 -57.86 -8.64 -28.42
C PRO C 254 -59.01 -9.66 -28.56
N PRO C 255 -59.62 -9.75 -29.76
CA PRO C 255 -60.67 -10.77 -29.97
C PRO C 255 -60.15 -12.19 -29.80
N ALA C 256 -60.93 -13.02 -29.11
CA ALA C 256 -60.59 -14.43 -28.83
C ALA C 256 -59.30 -14.64 -28.01
N CYS C 257 -58.87 -13.61 -27.28
CA CYS C 257 -57.66 -13.67 -26.46
C CYS C 257 -57.99 -14.41 -25.16
N PRO C 258 -57.10 -15.34 -24.72
CA PRO C 258 -57.33 -15.96 -23.41
C PRO C 258 -57.35 -14.91 -22.29
N ALA C 259 -58.29 -15.07 -21.35
CA ALA C 259 -58.51 -14.09 -20.27
C ALA C 259 -57.23 -13.79 -19.49
N GLU C 260 -56.53 -14.84 -19.07
CA GLU C 260 -55.30 -14.69 -18.29
C GLU C 260 -54.15 -14.03 -19.07
N VAL C 261 -54.10 -14.24 -20.39
CA VAL C 261 -53.10 -13.55 -21.23
C VAL C 261 -53.31 -12.04 -21.19
N HIS C 262 -54.58 -11.60 -21.26
CA HIS C 262 -54.93 -10.19 -21.12
C HIS C 262 -54.60 -9.64 -19.73
N GLU C 263 -54.78 -10.45 -18.69
CA GLU C 263 -54.41 -10.06 -17.33
C GLU C 263 -52.89 -9.86 -17.18
N LEU C 264 -52.10 -10.71 -17.84
CA LEU C 264 -50.64 -10.52 -17.90
C LEU C 264 -50.24 -9.26 -18.66
N MET C 265 -50.95 -8.99 -19.77
CA MET C 265 -50.84 -7.71 -20.51
C MET C 265 -51.01 -6.49 -19.61
N LYS C 266 -52.08 -6.51 -18.80
CA LYS C 266 -52.40 -5.38 -17.90
C LYS C 266 -51.38 -5.17 -16.77
N LEU C 267 -50.75 -6.24 -16.32
CA LEU C 267 -49.67 -6.15 -15.31
C LEU C 267 -48.37 -5.62 -15.91
N CYS C 268 -48.07 -6.01 -17.14
CA CYS C 268 -46.96 -5.43 -17.92
C CYS C 268 -47.12 -3.92 -18.10
N TRP C 269 -48.37 -3.46 -18.21
CA TRP C 269 -48.69 -2.03 -18.34
C TRP C 269 -49.01 -1.33 -17.01
N ALA C 270 -48.55 -1.86 -15.88
CA ALA C 270 -48.78 -1.18 -14.58
C ALA C 270 -48.15 0.22 -14.59
N PRO C 271 -48.84 1.24 -14.03
CA PRO C 271 -48.32 2.62 -14.08
C PRO C 271 -46.88 2.80 -13.55
N SER C 272 -46.60 2.22 -12.37
CA SER C 272 -45.27 2.28 -11.77
C SER C 272 -44.38 1.16 -12.33
N PRO C 273 -43.13 1.48 -12.75
CA PRO C 273 -42.18 0.44 -13.20
C PRO C 273 -41.92 -0.69 -12.21
N GLN C 274 -41.77 -0.36 -10.92
CA GLN C 274 -41.51 -1.35 -9.86
C GLN C 274 -42.65 -2.35 -9.64
N ASP C 275 -43.89 -1.98 -10.02
CA ASP C 275 -45.07 -2.85 -9.87
C ASP C 275 -45.34 -3.78 -11.07
N ARG C 276 -44.59 -3.61 -12.16
CA ARG C 276 -44.66 -4.52 -13.31
C ARG C 276 -43.92 -5.83 -13.01
N PRO C 277 -44.36 -6.94 -13.61
CA PRO C 277 -43.69 -8.22 -13.38
C PRO C 277 -42.39 -8.34 -14.18
N SER C 278 -41.39 -9.00 -13.59
CA SER C 278 -40.15 -9.29 -14.30
C SER C 278 -40.38 -10.37 -15.36
N PHE C 279 -39.48 -10.45 -16.33
CA PHE C 279 -39.52 -11.50 -17.35
C PHE C 279 -39.34 -12.89 -16.73
N SER C 280 -38.54 -12.98 -15.66
CA SER C 280 -38.42 -14.19 -14.85
C SER C 280 -39.75 -14.63 -14.24
N ALA C 281 -40.55 -13.68 -13.79
CA ALA C 281 -41.90 -13.96 -13.27
C ALA C 281 -42.90 -14.30 -14.38
N LEU C 282 -42.82 -13.59 -15.51
CA LEU C 282 -43.74 -13.78 -16.63
C LEU C 282 -43.59 -15.10 -17.37
N GLY C 283 -42.34 -15.56 -17.52
CA GLY C 283 -42.02 -16.76 -18.30
C GLY C 283 -42.77 -18.03 -17.91
N PRO C 284 -42.67 -18.43 -16.63
CA PRO C 284 -43.45 -19.56 -16.12
C PRO C 284 -44.97 -19.39 -16.26
N GLN C 285 -45.47 -18.17 -16.07
CA GLN C 285 -46.89 -17.88 -16.19
C GLN C 285 -47.42 -18.07 -17.61
N LEU C 286 -46.57 -17.83 -18.61
CA LEU C 286 -46.91 -18.10 -20.02
C LEU C 286 -46.86 -19.59 -20.34
N ASP C 287 -45.79 -20.26 -19.91
CA ASP C 287 -45.60 -21.70 -20.13
C ASP C 287 -46.68 -22.56 -19.47
N MET C 288 -47.10 -22.16 -18.27
CA MET C 288 -48.07 -22.92 -17.48
C MET C 288 -49.53 -22.62 -17.81
N LEU C 289 -49.76 -21.68 -18.72
CA LEU C 289 -51.07 -21.56 -19.40
C LEU C 289 -51.20 -22.64 -20.47
N TRP C 290 -50.15 -22.80 -21.27
CA TRP C 290 -50.10 -23.84 -22.29
C TRP C 290 -50.08 -25.24 -21.66
N SER C 291 -49.12 -25.46 -20.77
CA SER C 291 -48.99 -26.75 -20.05
C SER C 291 -49.99 -26.82 -18.89
N PRO D 5 -24.83 32.63 -11.67
CA PRO D 5 -24.37 32.83 -13.04
C PRO D 5 -22.89 32.49 -13.27
N THR D 6 -22.43 32.70 -14.50
CA THR D 6 -21.03 32.49 -14.88
C THR D 6 -20.06 33.53 -14.28
N ILE D 7 -20.59 34.70 -13.89
CA ILE D 7 -19.77 35.77 -13.32
C ILE D 7 -19.59 35.58 -11.81
N PHE D 8 -18.36 35.28 -11.41
CA PHE D 8 -17.98 35.17 -9.98
C PHE D 8 -17.14 36.38 -9.61
N GLU D 9 -17.56 37.13 -8.58
CA GLU D 9 -16.84 38.31 -8.12
C GLU D 9 -15.59 37.92 -7.33
N GLU D 10 -14.46 38.57 -7.63
CA GLU D 10 -13.17 38.30 -7.00
C GLU D 10 -13.19 38.48 -5.48
N ARG D 11 -13.79 39.58 -5.03
CA ARG D 11 -13.89 39.91 -3.60
C ARG D 11 -14.59 38.84 -2.75
N HIS D 12 -15.56 38.14 -3.34
CA HIS D 12 -16.35 37.12 -2.64
C HIS D 12 -15.72 35.72 -2.60
N LEU D 13 -14.75 35.46 -3.49
CA LEU D 13 -14.01 34.20 -3.47
C LEU D 13 -13.02 34.16 -2.30
N LYS D 14 -13.47 33.59 -1.19
CA LYS D 14 -12.64 33.41 0.00
C LYS D 14 -11.73 32.20 -0.17
N TYR D 15 -10.41 32.42 -0.13
CA TYR D 15 -9.41 31.35 -0.19
C TYR D 15 -9.48 30.47 1.08
N ILE D 16 -9.28 29.16 0.90
CA ILE D 16 -9.23 28.19 2.00
C ILE D 16 -7.89 27.45 1.98
N SER D 17 -7.66 26.66 0.93
CA SER D 17 -6.44 25.87 0.79
C SER D 17 -6.06 25.66 -0.67
N GLN D 18 -4.91 25.02 -0.90
CA GLN D 18 -4.48 24.61 -2.24
C GLN D 18 -4.84 23.15 -2.48
N LEU D 19 -5.37 22.86 -3.66
CA LEU D 19 -5.73 21.48 -4.07
C LEU D 19 -4.61 20.84 -4.88
N GLY D 20 -4.03 21.61 -5.80
CA GLY D 20 -2.86 21.15 -6.57
C GLY D 20 -2.16 22.29 -7.30
N LYS D 21 -0.92 22.03 -7.72
CA LYS D 21 -0.08 23.04 -8.35
C LYS D 21 0.87 22.47 -9.40
N GLY D 22 0.64 22.85 -10.66
CA GLY D 22 1.60 22.62 -11.75
C GLY D 22 2.63 23.73 -11.82
N ASN D 23 3.54 23.63 -12.78
CA ASN D 23 4.61 24.62 -12.98
C ASN D 23 4.12 26.00 -13.47
N PHE D 24 2.96 26.03 -14.12
CA PHE D 24 2.35 27.28 -14.62
C PHE D 24 1.04 27.64 -13.92
N GLY D 25 0.16 26.65 -13.72
CA GLY D 25 -1.17 26.87 -13.11
C GLY D 25 -1.39 26.12 -11.80
N SER D 26 -2.18 26.73 -10.90
CA SER D 26 -2.56 26.12 -9.62
C SER D 26 -4.08 26.07 -9.46
N VAL D 27 -4.56 25.16 -8.62
CA VAL D 27 -5.98 25.01 -8.29
C VAL D 27 -6.16 25.18 -6.78
N GLU D 28 -6.94 26.18 -6.38
CA GLU D 28 -7.22 26.48 -4.98
C GLU D 28 -8.65 26.08 -4.60
N LEU D 29 -8.83 25.63 -3.36
CA LEU D 29 -10.15 25.47 -2.76
C LEU D 29 -10.61 26.84 -2.24
N CYS D 30 -11.79 27.27 -2.68
CA CYS D 30 -12.36 28.56 -2.27
C CYS D 30 -13.83 28.43 -1.90
N ARG D 31 -14.29 29.31 -1.00
CA ARG D 31 -15.70 29.47 -0.71
C ARG D 31 -16.19 30.77 -1.36
N TYR D 32 -17.11 30.64 -2.32
CA TYR D 32 -17.77 31.81 -2.91
C TYR D 32 -18.88 32.24 -1.95
N ASP D 33 -18.63 33.32 -1.19
CA ASP D 33 -19.48 33.73 -0.08
C ASP D 33 -19.93 35.21 -0.19
N PRO D 34 -20.93 35.50 -1.07
CA PRO D 34 -21.52 36.84 -1.22
C PRO D 34 -22.03 37.48 0.09
N LEU D 35 -22.73 36.69 0.89
CA LEU D 35 -23.33 37.18 2.14
C LEU D 35 -22.32 37.46 3.25
N GLY D 36 -21.17 36.78 3.21
CA GLY D 36 -20.10 36.98 4.19
C GLY D 36 -20.38 36.34 5.54
N ASP D 37 -20.86 35.09 5.51
CA ASP D 37 -21.11 34.30 6.72
C ASP D 37 -20.81 32.80 6.53
N ASN D 38 -19.80 32.53 5.70
CA ASN D 38 -19.40 31.17 5.25
C ASN D 38 -20.54 30.16 4.98
N THR D 39 -21.59 30.64 4.32
CA THR D 39 -22.75 29.83 3.92
C THR D 39 -22.62 29.34 2.48
N GLY D 40 -21.99 30.14 1.62
CA GLY D 40 -21.89 29.86 0.19
C GLY D 40 -21.11 28.62 -0.21
N ALA D 41 -21.18 28.29 -1.50
CA ALA D 41 -20.68 27.02 -2.01
C ALA D 41 -19.15 26.94 -2.08
N LEU D 42 -18.62 25.73 -1.84
CA LEU D 42 -17.19 25.45 -2.00
C LEU D 42 -16.92 25.12 -3.48
N VAL D 43 -15.94 25.81 -4.07
CA VAL D 43 -15.62 25.69 -5.49
C VAL D 43 -14.12 25.51 -5.71
N ALA D 44 -13.77 24.73 -6.73
CA ALA D 44 -12.39 24.55 -7.16
C ALA D 44 -12.07 25.64 -8.18
N VAL D 45 -11.03 26.43 -7.92
CA VAL D 45 -10.73 27.62 -8.71
C VAL D 45 -9.30 27.56 -9.25
N LYS D 46 -9.17 27.57 -10.58
CA LYS D 46 -7.86 27.52 -11.24
C LYS D 46 -7.40 28.90 -11.70
N GLN D 47 -6.09 29.16 -11.57
CA GLN D 47 -5.46 30.40 -12.01
C GLN D 47 -4.02 30.16 -12.43
N LEU D 48 -3.51 31.03 -13.29
CA LEU D 48 -2.12 30.99 -13.75
C LEU D 48 -1.22 31.79 -12.80
N GLN D 49 -0.03 31.24 -12.53
CA GLN D 49 0.98 31.89 -11.69
C GLN D 49 2.29 31.96 -12.48
N HIS D 50 2.80 33.19 -12.67
CA HIS D 50 4.06 33.44 -13.39
C HIS D 50 4.07 32.85 -14.82
N SER D 51 2.96 33.09 -15.54
CA SER D 51 2.74 32.53 -16.87
C SER D 51 3.18 33.48 -17.98
N GLY D 52 3.61 32.91 -19.10
CA GLY D 52 3.91 33.68 -20.32
C GLY D 52 2.65 33.87 -21.16
N PRO D 53 2.77 34.56 -22.31
CA PRO D 53 1.65 34.75 -23.24
C PRO D 53 1.03 33.44 -23.78
N ASP D 54 1.86 32.42 -23.98
CA ASP D 54 1.44 31.12 -24.50
C ASP D 54 0.42 30.41 -23.60
N GLN D 55 0.71 30.39 -22.30
CA GLN D 55 -0.16 29.76 -21.29
C GLN D 55 -1.48 30.54 -21.10
N GLN D 56 -1.39 31.86 -21.18
CA GLN D 56 -2.57 32.74 -21.12
C GLN D 56 -3.56 32.43 -22.26
N ARG D 57 -3.03 32.26 -23.47
CA ARG D 57 -3.85 31.85 -24.64
C ARG D 57 -4.36 30.41 -24.53
N ASP D 58 -3.54 29.52 -23.99
CA ASP D 58 -3.96 28.12 -23.72
C ASP D 58 -5.08 28.06 -22.70
N PHE D 59 -4.94 28.84 -21.63
CA PHE D 59 -5.94 28.93 -20.56
C PHE D 59 -7.27 29.52 -21.05
N GLN D 60 -7.20 30.47 -21.98
CA GLN D 60 -8.39 31.02 -22.64
C GLN D 60 -9.18 29.95 -23.38
N ARG D 61 -8.47 29.12 -24.16
CA ARG D 61 -9.09 27.97 -24.86
C ARG D 61 -9.67 26.93 -23.89
N GLU D 62 -8.91 26.60 -22.85
CA GLU D 62 -9.34 25.65 -21.79
C GLU D 62 -10.68 26.02 -21.18
N ILE D 63 -10.85 27.30 -20.85
CA ILE D 63 -12.11 27.79 -20.26
C ILE D 63 -13.29 27.54 -21.19
N GLN D 64 -13.12 27.86 -22.46
CA GLN D 64 -14.19 27.72 -23.45
C GLN D 64 -14.51 26.27 -23.78
N ILE D 65 -13.49 25.42 -23.85
CA ILE D 65 -13.68 23.98 -24.06
C ILE D 65 -14.54 23.39 -22.95
N LEU D 66 -14.09 23.56 -21.71
CA LEU D 66 -14.77 23.00 -20.52
C LEU D 66 -16.19 23.55 -20.34
N LYS D 67 -16.36 24.85 -20.58
CA LYS D 67 -17.68 25.51 -20.60
C LYS D 67 -18.66 24.83 -21.58
N ALA D 68 -18.15 24.35 -22.70
CA ALA D 68 -18.97 23.74 -23.75
C ALA D 68 -19.25 22.25 -23.52
N LEU D 69 -18.38 21.55 -22.80
CA LEU D 69 -18.57 20.11 -22.52
C LEU D 69 -19.63 19.89 -21.45
N HIS D 70 -20.56 18.99 -21.74
CA HIS D 70 -21.63 18.60 -20.81
C HIS D 70 -21.74 17.08 -20.71
N SER D 71 -21.15 16.54 -19.65
CA SER D 71 -21.19 15.10 -19.36
C SER D 71 -21.10 14.86 -17.85
N ASP D 72 -21.74 13.80 -17.38
CA ASP D 72 -21.66 13.38 -15.98
C ASP D 72 -20.27 12.86 -15.56
N PHE D 73 -19.45 12.49 -16.54
CA PHE D 73 -18.11 11.94 -16.32
C PHE D 73 -17.00 12.92 -16.73
N ILE D 74 -17.33 14.21 -16.75
CA ILE D 74 -16.37 15.30 -16.97
C ILE D 74 -16.63 16.38 -15.92
N VAL D 75 -15.57 16.97 -15.39
CA VAL D 75 -15.67 17.99 -14.34
C VAL D 75 -16.45 19.22 -14.82
N LYS D 76 -17.39 19.69 -14.00
CA LYS D 76 -18.30 20.79 -14.38
C LYS D 76 -17.66 22.17 -14.32
N TYR D 77 -17.79 22.89 -15.42
CA TYR D 77 -17.55 24.33 -15.46
C TYR D 77 -18.65 25.02 -14.66
N ARG D 78 -18.27 25.92 -13.76
CA ARG D 78 -19.24 26.76 -13.02
C ARG D 78 -19.25 28.21 -13.48
N GLY D 79 -18.07 28.77 -13.76
CA GLY D 79 -17.96 30.14 -14.23
C GLY D 79 -16.55 30.67 -14.28
N VAL D 80 -16.43 31.99 -14.43
CA VAL D 80 -15.15 32.70 -14.44
C VAL D 80 -15.16 33.88 -13.48
N SER D 81 -13.96 34.30 -13.08
CA SER D 81 -13.76 35.49 -12.25
C SER D 81 -12.60 36.31 -12.83
N TYR D 82 -12.90 37.53 -13.26
CA TYR D 82 -11.90 38.43 -13.85
C TYR D 82 -11.21 39.24 -12.75
N SER D 88 -5.48 38.29 -14.06
CA SER D 88 -6.47 38.14 -13.01
C SER D 88 -7.63 37.15 -13.29
N LEU D 89 -7.70 36.63 -14.52
CA LEU D 89 -8.71 35.64 -14.92
C LEU D 89 -8.57 34.32 -14.16
N ARG D 90 -9.69 33.84 -13.60
CA ARG D 90 -9.73 32.60 -12.82
C ARG D 90 -10.88 31.70 -13.28
N LEU D 91 -10.59 30.40 -13.43
CA LEU D 91 -11.57 29.41 -13.89
C LEU D 91 -12.21 28.73 -12.69
N VAL D 92 -13.53 28.88 -12.54
CA VAL D 92 -14.28 28.31 -11.40
C VAL D 92 -14.95 27.00 -11.84
N MET D 93 -14.60 25.92 -11.14
CA MET D 93 -15.15 24.59 -11.36
C MET D 93 -15.79 24.04 -10.09
N GLU D 94 -16.61 23.01 -10.24
CA GLU D 94 -17.18 22.30 -9.10
C GLU D 94 -16.07 21.68 -8.24
N TYR D 95 -16.30 21.63 -6.94
CA TYR D 95 -15.34 21.04 -6.00
C TYR D 95 -15.72 19.58 -5.74
N LEU D 96 -14.77 18.67 -5.97
CA LEU D 96 -14.92 17.24 -5.70
C LEU D 96 -14.05 16.87 -4.49
N PRO D 97 -14.64 16.84 -3.28
CA PRO D 97 -13.85 16.67 -2.05
C PRO D 97 -13.06 15.37 -1.88
N SER D 98 -13.46 14.28 -2.55
CA SER D 98 -12.77 12.99 -2.43
C SER D 98 -11.40 12.95 -3.13
N GLY D 99 -11.12 13.91 -4.01
CA GLY D 99 -9.80 14.06 -4.62
C GLY D 99 -9.62 13.23 -5.87
N CYS D 100 -8.36 12.98 -6.23
CA CYS D 100 -8.02 12.25 -7.45
C CYS D 100 -8.15 10.73 -7.25
N LEU D 101 -8.46 10.03 -8.33
CA LEU D 101 -8.65 8.59 -8.32
C LEU D 101 -7.37 7.80 -7.99
N ARG D 102 -6.20 8.37 -8.32
CA ARG D 102 -4.90 7.75 -8.02
C ARG D 102 -4.70 7.57 -6.51
N ASP D 103 -4.90 8.66 -5.76
CA ASP D 103 -4.81 8.63 -4.29
C ASP D 103 -5.91 7.77 -3.67
N PHE D 104 -7.12 7.86 -4.23
CA PHE D 104 -8.29 7.10 -3.78
C PHE D 104 -8.09 5.58 -3.83
N LEU D 105 -7.52 5.09 -4.93
CA LEU D 105 -7.25 3.66 -5.11
C LEU D 105 -6.21 3.13 -4.13
N GLN D 106 -5.13 3.89 -3.96
CA GLN D 106 -4.08 3.57 -2.99
C GLN D 106 -4.62 3.53 -1.56
N ARG D 107 -5.47 4.51 -1.23
CA ARG D 107 -6.01 4.66 0.13
C ARG D 107 -7.05 3.59 0.48
N HIS D 108 -7.97 3.30 -0.45
CA HIS D 108 -9.06 2.34 -0.23
C HIS D 108 -8.87 1.00 -0.96
N ARG D 109 -7.62 0.59 -1.15
CA ARG D 109 -7.29 -0.66 -1.89
C ARG D 109 -7.96 -1.91 -1.31
N ALA D 110 -7.91 -2.04 0.02
CA ALA D 110 -8.38 -3.25 0.72
C ALA D 110 -9.87 -3.58 0.54
N ARG D 111 -10.70 -2.57 0.24
CA ARG D 111 -12.14 -2.75 0.06
C ARG D 111 -12.64 -2.28 -1.32
N LEU D 112 -11.78 -2.36 -2.34
CA LEU D 112 -12.16 -2.07 -3.72
C LEU D 112 -11.88 -3.30 -4.58
N ASP D 113 -12.96 -3.93 -5.08
CA ASP D 113 -12.85 -5.14 -5.92
C ASP D 113 -12.82 -4.80 -7.41
N ALA D 114 -12.48 -5.80 -8.23
CA ALA D 114 -12.32 -5.64 -9.69
C ALA D 114 -13.56 -5.09 -10.40
N SER D 115 -14.75 -5.44 -9.91
CA SER D 115 -16.00 -4.93 -10.46
C SER D 115 -16.15 -3.41 -10.26
N ARG D 116 -15.68 -2.91 -9.13
CA ARG D 116 -15.64 -1.45 -8.86
C ARG D 116 -14.60 -0.73 -9.72
N LEU D 117 -13.48 -1.39 -10.03
CA LEU D 117 -12.49 -0.87 -10.97
C LEU D 117 -13.03 -0.84 -12.41
N LEU D 118 -13.83 -1.84 -12.77
CA LEU D 118 -14.55 -1.85 -14.06
C LEU D 118 -15.63 -0.77 -14.14
N LEU D 119 -16.24 -0.42 -13.01
CA LEU D 119 -17.19 0.70 -12.95
C LEU D 119 -16.53 2.03 -13.24
N TYR D 120 -15.33 2.25 -12.68
CA TYR D 120 -14.55 3.47 -12.96
C TYR D 120 -14.09 3.49 -14.42
N SER D 121 -13.56 2.35 -14.88
CA SER D 121 -13.20 2.16 -16.29
C SER D 121 -14.35 2.50 -17.24
N SER D 122 -15.53 1.95 -16.94
CA SER D 122 -16.74 2.22 -17.72
C SER D 122 -17.04 3.72 -17.81
N GLN D 123 -17.08 4.37 -16.65
CA GLN D 123 -17.37 5.81 -16.56
C GLN D 123 -16.30 6.68 -17.23
N ILE D 124 -15.02 6.33 -17.04
CA ILE D 124 -13.92 7.01 -17.72
C ILE D 124 -14.03 6.85 -19.24
N CYS D 125 -14.31 5.62 -19.68
CA CYS D 125 -14.53 5.32 -21.10
C CYS D 125 -15.72 6.11 -21.72
N LYS D 126 -16.79 6.24 -20.95
CA LYS D 126 -17.99 6.97 -21.39
C LYS D 126 -17.75 8.48 -21.52
N GLY D 127 -17.04 9.06 -20.56
CA GLY D 127 -16.60 10.46 -20.64
C GLY D 127 -15.74 10.76 -21.86
N MET D 128 -14.88 9.81 -22.23
CA MET D 128 -14.00 9.95 -23.40
C MET D 128 -14.72 9.78 -24.73
N GLU D 129 -15.69 8.87 -24.76
CA GLU D 129 -16.57 8.70 -25.93
C GLU D 129 -17.26 10.03 -26.24
N TYR D 130 -17.77 10.68 -25.21
CA TYR D 130 -18.36 12.02 -25.34
C TYR D 130 -17.33 13.06 -25.84
N LEU D 131 -16.11 13.03 -25.29
N LEU D 131 -16.12 12.99 -25.29
CA LEU D 131 -15.05 13.95 -25.72
CA LEU D 131 -15.03 13.90 -25.68
C LEU D 131 -14.68 13.79 -27.18
C LEU D 131 -14.67 13.78 -27.16
N GLY D 132 -14.59 12.54 -27.64
CA GLY D 132 -14.37 12.24 -29.06
C GLY D 132 -15.52 12.71 -29.95
N SER D 133 -16.75 12.64 -29.44
CA SER D 133 -17.92 13.16 -30.17
C SER D 133 -17.87 14.69 -30.33
N ARG D 134 -17.30 15.39 -29.34
CA ARG D 134 -17.05 16.83 -29.42
C ARG D 134 -15.74 17.19 -30.15
N ARG D 135 -15.08 16.18 -30.74
CA ARG D 135 -13.83 16.33 -31.49
C ARG D 135 -12.71 16.97 -30.67
N CYS D 136 -12.61 16.52 -29.42
CA CYS D 136 -11.64 17.01 -28.46
C CYS D 136 -10.67 15.89 -28.06
N VAL D 137 -9.38 16.23 -27.98
CA VAL D 137 -8.34 15.32 -27.47
C VAL D 137 -7.98 15.83 -26.09
N HIS D 138 -8.12 14.99 -25.06
CA HIS D 138 -7.74 15.35 -23.69
C HIS D 138 -6.23 15.57 -23.61
N ARG D 139 -5.49 14.61 -24.15
CA ARG D 139 -4.02 14.69 -24.32
C ARG D 139 -3.19 14.45 -23.05
N ASP D 140 -3.87 14.19 -21.93
CA ASP D 140 -3.21 13.96 -20.63
C ASP D 140 -4.07 13.06 -19.73
N LEU D 141 -4.66 12.03 -20.34
CA LEU D 141 -5.55 11.12 -19.65
C LEU D 141 -4.73 10.19 -18.75
N ALA D 142 -4.85 10.40 -17.44
CA ALA D 142 -4.13 9.62 -16.43
C ALA D 142 -4.92 9.61 -15.13
N ALA D 143 -4.70 8.60 -14.29
CA ALA D 143 -5.45 8.41 -13.03
C ALA D 143 -5.36 9.61 -12.08
N ARG D 144 -4.21 10.28 -12.07
CA ARG D 144 -4.01 11.52 -11.32
C ARG D 144 -4.92 12.69 -11.76
N ASN D 145 -5.37 12.67 -13.02
CA ASN D 145 -6.27 13.68 -13.59
C ASN D 145 -7.75 13.26 -13.61
N ILE D 146 -8.06 12.12 -13.01
CA ILE D 146 -9.43 11.64 -12.85
C ILE D 146 -9.82 11.88 -11.39
N LEU D 147 -10.95 12.55 -11.18
CA LEU D 147 -11.44 12.90 -9.84
C LEU D 147 -12.59 12.00 -9.40
N VAL D 148 -12.71 11.85 -8.08
CA VAL D 148 -13.76 11.03 -7.47
C VAL D 148 -14.87 11.95 -6.96
N GLU D 149 -16.10 11.70 -7.43
CA GLU D 149 -17.30 12.39 -6.93
C GLU D 149 -17.86 11.62 -5.73
N SER D 150 -18.06 10.32 -5.93
CA SER D 150 -18.50 9.39 -4.88
C SER D 150 -17.84 8.04 -5.05
N GLU D 151 -18.16 7.11 -4.15
CA GLU D 151 -17.73 5.70 -4.23
C GLU D 151 -17.98 5.06 -5.59
N ALA D 152 -19.13 5.36 -6.19
CA ALA D 152 -19.56 4.77 -7.47
C ALA D 152 -19.62 5.80 -8.60
N HIS D 153 -18.77 6.84 -8.54
CA HIS D 153 -18.78 7.91 -9.57
C HIS D 153 -17.46 8.70 -9.65
N VAL D 154 -16.85 8.70 -10.85
CA VAL D 154 -15.64 9.47 -11.13
C VAL D 154 -15.80 10.39 -12.35
N LYS D 155 -15.04 11.49 -12.38
CA LYS D 155 -15.06 12.46 -13.48
C LYS D 155 -13.66 12.77 -14.02
N ILE D 156 -13.56 12.97 -15.33
CA ILE D 156 -12.32 13.37 -16.00
C ILE D 156 -12.10 14.86 -15.76
N ALA D 157 -10.88 15.22 -15.36
CA ALA D 157 -10.53 16.60 -15.03
C ALA D 157 -9.20 17.00 -15.68
N ASP D 158 -8.78 18.24 -15.42
CA ASP D 158 -7.54 18.83 -15.95
C ASP D 158 -7.51 18.84 -17.48
N PHE D 159 -8.13 19.88 -18.06
CA PHE D 159 -8.16 20.08 -19.51
C PHE D 159 -7.13 21.12 -20.01
N GLY D 160 -6.08 21.34 -19.22
CA GLY D 160 -5.04 22.32 -19.54
C GLY D 160 -4.23 22.08 -20.81
N LEU D 161 -4.11 20.81 -21.21
CA LEU D 161 -3.47 20.43 -22.47
C LEU D 161 -4.48 19.99 -23.55
N ALA D 162 -5.77 20.11 -23.27
CA ALA D 162 -6.80 19.64 -24.20
C ALA D 162 -6.82 20.47 -25.49
N LYS D 163 -7.05 19.79 -26.61
CA LYS D 163 -7.06 20.40 -27.94
C LYS D 163 -8.27 19.92 -28.72
N LEU D 164 -8.98 20.86 -29.34
CA LEU D 164 -10.02 20.53 -30.31
C LEU D 164 -9.34 20.20 -31.64
N LEU D 165 -9.75 19.10 -32.26
CA LEU D 165 -9.19 18.68 -33.54
C LEU D 165 -9.45 19.74 -34.62
N PRO D 166 -8.53 19.86 -35.61
CA PRO D 166 -8.84 20.76 -36.70
C PRO D 166 -10.03 20.22 -37.48
N LEU D 167 -10.89 21.11 -37.96
CA LEU D 167 -12.16 20.72 -38.58
C LEU D 167 -12.00 19.86 -39.85
N ASP D 168 -10.87 20.02 -40.54
CA ASP D 168 -10.56 19.29 -41.78
C ASP D 168 -9.63 18.06 -41.62
N LYS D 169 -9.40 17.60 -40.39
CA LYS D 169 -8.54 16.42 -40.14
C LYS D 169 -8.71 15.82 -38.74
N ASP D 170 -8.49 14.51 -38.63
CA ASP D 170 -8.70 13.77 -37.37
C ASP D 170 -7.45 13.65 -36.47
N PTR D 171 -6.46 14.52 -36.66
CA PTR D 171 -5.26 14.54 -35.81
C PTR D 171 -4.68 15.95 -35.66
O PTR D 171 -5.04 16.87 -36.40
CB PTR D 171 -4.18 13.56 -36.29
CG PTR D 171 -3.52 13.90 -37.61
CD1 PTR D 171 -4.22 13.78 -38.82
CD2 PTR D 171 -2.19 14.34 -37.65
CE1 PTR D 171 -3.61 14.08 -40.03
CE2 PTR D 171 -1.58 14.65 -38.86
CZ PTR D 171 -2.29 14.52 -40.04
OH PTR D 171 -1.73 14.78 -41.12
P PTR D 171 -1.73 16.27 -41.73
O1P PTR D 171 -1.06 17.24 -40.74
O2P PTR D 171 -0.97 16.25 -43.00
O3P PTR D 171 -3.20 16.70 -41.99
N PTR D 172 -3.79 16.08 -34.69
CA PTR D 172 -3.14 17.36 -34.36
C PTR D 172 -1.71 17.13 -33.90
O PTR D 172 -1.46 16.38 -32.96
CB PTR D 172 -3.95 18.01 -33.24
CG PTR D 172 -3.54 19.43 -32.90
CD1 PTR D 172 -3.71 20.47 -33.82
CD2 PTR D 172 -2.95 19.72 -31.67
CE1 PTR D 172 -3.33 21.77 -33.50
CE2 PTR D 172 -2.56 21.02 -31.35
CZ PTR D 172 -2.76 22.04 -32.27
OH PTR D 172 -2.43 23.20 -32.00
P PTR D 172 -0.89 23.65 -31.76
O1P PTR D 172 -0.44 23.22 -30.35
O2P PTR D 172 -0.83 25.13 -31.87
O3P PTR D 172 0.02 23.01 -32.83
N VAL D 173 -0.76 17.79 -34.57
CA VAL D 173 0.65 17.75 -34.18
C VAL D 173 0.89 18.87 -33.17
N VAL D 174 1.66 18.56 -32.13
CA VAL D 174 2.11 19.56 -31.13
C VAL D 174 3.61 19.39 -30.87
N SER D 180 4.96 16.48 -19.91
CA SER D 180 4.28 15.44 -19.13
C SER D 180 5.10 14.14 -19.09
N PRO D 181 4.77 13.21 -18.14
CA PRO D 181 5.41 11.89 -18.14
C PRO D 181 5.20 11.10 -19.44
N ILE D 182 6.31 10.59 -19.98
CA ILE D 182 6.33 9.91 -21.29
C ILE D 182 5.67 8.52 -21.32
N PHE D 183 5.37 7.95 -20.15
CA PHE D 183 4.89 6.57 -20.03
C PHE D 183 3.39 6.38 -20.31
N TRP D 184 2.69 7.49 -20.57
CA TRP D 184 1.28 7.47 -21.03
C TRP D 184 1.13 7.78 -22.53
N TYR D 185 2.20 8.26 -23.19
CA TYR D 185 2.14 8.66 -24.60
C TYR D 185 2.16 7.46 -25.55
N ALA D 186 1.43 7.60 -26.65
CA ALA D 186 1.46 6.63 -27.75
C ALA D 186 2.73 6.80 -28.59
N PRO D 187 3.14 5.76 -29.36
CA PRO D 187 4.33 5.83 -30.23
C PRO D 187 4.43 7.03 -31.18
N GLU D 188 3.30 7.48 -31.73
CA GLU D 188 3.28 8.64 -32.65
C GLU D 188 3.60 9.93 -31.92
N SER D 189 3.03 10.07 -30.72
CA SER D 189 3.29 11.20 -29.83
C SER D 189 4.77 11.29 -29.42
N LEU D 190 5.39 10.14 -29.19
CA LEU D 190 6.83 10.07 -28.87
C LEU D 190 7.70 10.45 -30.07
N SER D 191 7.39 9.89 -31.24
CA SER D 191 8.21 10.06 -32.45
C SER D 191 7.92 11.36 -33.21
N ASP D 192 6.66 11.53 -33.63
CA ASP D 192 6.24 12.65 -34.50
C ASP D 192 5.44 13.75 -33.78
N ASN D 193 5.27 13.61 -32.46
CA ASN D 193 4.44 14.53 -31.65
C ASN D 193 2.96 14.60 -32.10
N ILE D 194 2.47 13.50 -32.69
CA ILE D 194 1.09 13.43 -33.21
C ILE D 194 0.16 13.02 -32.07
N PHE D 195 -0.96 13.75 -31.95
CA PHE D 195 -2.00 13.42 -30.98
C PHE D 195 -3.36 13.36 -31.67
N SER D 196 -4.18 12.40 -31.23
CA SER D 196 -5.51 12.20 -31.76
C SER D 196 -6.42 11.59 -30.69
N ARG D 197 -7.66 11.28 -31.07
CA ARG D 197 -8.57 10.49 -30.23
C ARG D 197 -8.08 9.05 -30.03
N GLN D 198 -7.33 8.54 -31.00
N GLN D 198 -7.34 8.51 -30.99
CA GLN D 198 -6.75 7.19 -30.95
CA GLN D 198 -6.76 7.17 -30.90
C GLN D 198 -5.51 7.12 -30.04
C GLN D 198 -5.50 7.12 -30.03
N SER D 199 -4.80 8.24 -29.91
CA SER D 199 -3.71 8.37 -28.94
C SER D 199 -4.27 8.48 -27.51
N ASP D 200 -5.46 9.08 -27.37
CA ASP D 200 -6.23 9.05 -26.12
C ASP D 200 -6.66 7.62 -25.71
N VAL D 201 -6.92 6.76 -26.69
CA VAL D 201 -7.20 5.34 -26.44
C VAL D 201 -5.95 4.62 -25.88
N TRP D 202 -4.76 4.92 -26.41
CA TRP D 202 -3.49 4.39 -25.87
C TRP D 202 -3.37 4.71 -24.39
N SER D 203 -3.45 6.01 -24.06
CA SER D 203 -3.39 6.49 -22.68
C SER D 203 -4.43 5.84 -21.78
N PHE D 204 -5.66 5.68 -22.30
CA PHE D 204 -6.73 4.98 -21.58
C PHE D 204 -6.38 3.52 -21.25
N GLY D 205 -5.60 2.88 -22.12
CA GLY D 205 -5.04 1.56 -21.82
C GLY D 205 -4.11 1.59 -20.62
N VAL D 206 -3.32 2.65 -20.51
CA VAL D 206 -2.44 2.87 -19.35
C VAL D 206 -3.28 3.22 -18.11
N VAL D 207 -4.40 3.91 -18.29
CA VAL D 207 -5.34 4.16 -17.19
C VAL D 207 -5.94 2.85 -16.67
N LEU D 208 -6.32 1.95 -17.56
CA LEU D 208 -6.79 0.61 -17.13
C LEU D 208 -5.69 -0.12 -16.33
N TYR D 209 -4.45 -0.06 -16.81
CA TYR D 209 -3.29 -0.64 -16.09
C TYR D 209 -3.23 -0.06 -14.67
N GLU D 210 -3.18 1.26 -14.58
CA GLU D 210 -3.20 1.99 -13.29
C GLU D 210 -4.28 1.52 -12.33
N LEU D 211 -5.52 1.43 -12.84
CA LEU D 211 -6.68 1.00 -12.03
C LEU D 211 -6.48 -0.39 -11.42
N PHE D 212 -6.10 -1.35 -12.26
CA PHE D 212 -5.93 -2.75 -11.84
C PHE D 212 -4.61 -3.06 -11.10
N THR D 213 -3.69 -2.08 -11.05
CA THR D 213 -2.57 -2.08 -10.11
C THR D 213 -2.91 -1.33 -8.79
N TYR D 214 -4.11 -0.74 -8.73
CA TYR D 214 -4.52 0.18 -7.65
C TYR D 214 -3.55 1.36 -7.47
N CYS D 215 -2.93 1.78 -8.58
CA CYS D 215 -1.87 2.79 -8.60
C CYS D 215 -0.74 2.52 -7.59
N ASP D 216 -0.30 1.26 -7.52
CA ASP D 216 0.81 0.85 -6.66
C ASP D 216 2.13 1.35 -7.26
N LYS D 217 2.99 1.91 -6.42
CA LYS D 217 4.21 2.59 -6.86
C LYS D 217 5.27 1.64 -7.43
N SER D 218 5.46 0.49 -6.76
CA SER D 218 6.51 -0.48 -7.14
C SER D 218 6.30 -1.12 -8.51
N CYS D 219 5.03 -1.28 -8.92
CA CYS D 219 4.69 -1.81 -10.25
C CYS D 219 3.97 -0.77 -11.14
N SER D 220 4.40 0.49 -11.02
CA SER D 220 3.82 1.61 -11.79
C SER D 220 4.28 1.57 -13.26
N PRO D 221 3.59 2.30 -14.17
CA PRO D 221 4.05 2.39 -15.56
C PRO D 221 5.50 2.85 -15.71
N SER D 222 5.88 3.90 -15.00
CA SER D 222 7.26 4.43 -15.00
C SER D 222 8.29 3.44 -14.45
N ALA D 223 7.96 2.79 -13.33
CA ALA D 223 8.83 1.77 -12.72
C ALA D 223 8.95 0.53 -13.59
N GLU D 224 7.81 0.09 -14.14
CA GLU D 224 7.75 -1.11 -14.96
C GLU D 224 8.35 -0.93 -16.38
N PHE D 225 8.29 0.29 -16.92
CA PHE D 225 8.96 0.60 -18.20
C PHE D 225 10.48 0.70 -18.05
N LEU D 226 10.94 1.46 -17.05
CA LEU D 226 12.40 1.68 -16.81
C LEU D 226 13.18 0.39 -16.56
N ARG D 227 12.51 -0.62 -16.00
CA ARG D 227 13.07 -1.97 -15.85
C ARG D 227 13.26 -2.66 -17.21
N MET D 228 12.35 -2.42 -18.16
CA MET D 228 12.46 -2.93 -19.53
C MET D 228 13.39 -2.09 -20.42
N MET D 229 13.53 -0.80 -20.09
CA MET D 229 14.40 0.12 -20.84
C MET D 229 15.87 -0.14 -20.50
N VAL D 235 22.59 7.40 -25.02
CA VAL D 235 21.18 7.17 -25.36
C VAL D 235 20.26 7.89 -24.36
N PRO D 236 19.24 8.62 -24.84
CA PRO D 236 18.26 9.27 -23.96
C PRO D 236 17.11 8.35 -23.52
N ALA D 237 16.26 8.87 -22.63
CA ALA D 237 15.16 8.10 -22.05
C ALA D 237 13.99 7.91 -23.02
N LEU D 238 13.60 9.00 -23.69
CA LEU D 238 12.44 9.01 -24.60
C LEU D 238 12.60 8.04 -25.79
N SER D 239 13.81 8.00 -26.35
CA SER D 239 14.09 7.16 -27.52
C SER D 239 14.20 5.68 -27.20
N ARG D 240 14.69 5.36 -25.99
CA ARG D 240 14.75 3.97 -25.50
C ARG D 240 13.33 3.40 -25.28
N LEU D 241 12.43 4.23 -24.74
CA LEU D 241 11.01 3.87 -24.61
C LEU D 241 10.37 3.63 -25.97
N LEU D 242 10.58 4.54 -26.91
CA LEU D 242 10.04 4.42 -28.28
C LEU D 242 10.56 3.19 -29.02
N GLU D 243 11.85 2.90 -28.86
CA GLU D 243 12.47 1.68 -29.42
C GLU D 243 11.86 0.41 -28.83
N LEU D 244 11.60 0.44 -27.52
CA LEU D 244 10.91 -0.66 -26.81
C LEU D 244 9.48 -0.85 -27.32
N LEU D 245 8.75 0.24 -27.51
CA LEU D 245 7.37 0.19 -28.02
C LEU D 245 7.31 -0.18 -29.51
N GLU D 246 8.28 0.29 -30.29
CA GLU D 246 8.38 -0.09 -31.71
C GLU D 246 8.69 -1.59 -31.92
N GLU D 247 9.45 -2.17 -31.01
CA GLU D 247 9.74 -3.63 -31.03
C GLU D 247 8.52 -4.49 -30.70
N GLY D 248 7.55 -3.91 -29.99
CA GLY D 248 6.28 -4.57 -29.66
C GLY D 248 6.09 -4.96 -28.19
N GLN D 249 7.08 -4.66 -27.35
CA GLN D 249 7.03 -4.99 -25.93
C GLN D 249 6.12 -4.02 -25.19
N ARG D 250 5.34 -4.56 -24.25
CA ARG D 250 4.27 -3.82 -23.56
C ARG D 250 4.39 -3.99 -22.06
N LEU D 251 3.59 -3.22 -21.32
CA LEU D 251 3.47 -3.38 -19.87
C LEU D 251 2.84 -4.75 -19.55
N PRO D 252 3.27 -5.39 -18.46
CA PRO D 252 2.76 -6.71 -18.09
C PRO D 252 1.31 -6.66 -17.62
N ALA D 253 0.71 -7.83 -17.44
CA ALA D 253 -0.62 -7.92 -16.84
C ALA D 253 -0.45 -7.50 -15.38
N PRO D 254 -1.31 -6.59 -14.87
CA PRO D 254 -1.21 -6.28 -13.44
C PRO D 254 -1.40 -7.53 -12.55
N PRO D 255 -0.80 -7.54 -11.34
CA PRO D 255 -0.95 -8.71 -10.48
C PRO D 255 -2.43 -9.02 -10.17
N ALA D 256 -2.80 -10.29 -10.37
CA ALA D 256 -4.18 -10.78 -10.19
C ALA D 256 -5.21 -10.11 -11.11
N CYS D 257 -4.77 -9.66 -12.29
CA CYS D 257 -5.64 -9.02 -13.26
C CYS D 257 -6.35 -10.09 -14.10
N PRO D 258 -7.69 -9.97 -14.26
CA PRO D 258 -8.44 -10.86 -15.16
C PRO D 258 -7.90 -10.81 -16.60
N ALA D 259 -7.80 -11.97 -17.23
CA ALA D 259 -7.25 -12.09 -18.59
C ALA D 259 -8.01 -11.27 -19.63
N GLU D 260 -9.34 -11.28 -19.52
CA GLU D 260 -10.20 -10.52 -20.45
C GLU D 260 -10.03 -9.00 -20.33
N VAL D 261 -9.63 -8.53 -19.16
CA VAL D 261 -9.31 -7.10 -18.97
C VAL D 261 -7.95 -6.76 -19.60
N HIS D 262 -6.96 -7.63 -19.39
CA HIS D 262 -5.62 -7.43 -19.97
C HIS D 262 -5.66 -7.37 -21.51
N GLU D 263 -6.55 -8.16 -22.12
CA GLU D 263 -6.74 -8.11 -23.59
C GLU D 263 -7.21 -6.75 -24.08
N LEU D 264 -8.11 -6.10 -23.32
CA LEU D 264 -8.55 -4.74 -23.64
C LEU D 264 -7.43 -3.70 -23.55
N MET D 265 -6.48 -3.90 -22.62
CA MET D 265 -5.28 -3.03 -22.55
C MET D 265 -4.40 -3.20 -23.78
N LYS D 266 -4.19 -4.47 -24.17
CA LYS D 266 -3.38 -4.78 -25.36
C LYS D 266 -3.98 -4.21 -26.65
N LEU D 267 -5.31 -4.32 -26.79
CA LEU D 267 -6.02 -3.71 -27.92
C LEU D 267 -5.84 -2.18 -27.96
N CYS D 268 -5.86 -1.55 -26.79
CA CYS D 268 -5.59 -0.11 -26.66
C CYS D 268 -4.16 0.26 -27.07
N TRP D 269 -3.21 -0.66 -26.82
CA TRP D 269 -1.80 -0.45 -27.18
C TRP D 269 -1.41 -1.05 -28.55
N ALA D 270 -2.37 -1.11 -29.49
CA ALA D 270 -2.12 -1.66 -30.82
C ALA D 270 -1.19 -0.72 -31.61
N PRO D 271 -0.11 -1.25 -32.25
CA PRO D 271 0.91 -0.42 -32.92
C PRO D 271 0.37 0.75 -33.76
N SER D 272 -0.59 0.47 -34.64
CA SER D 272 -1.21 1.48 -35.51
C SER D 272 -2.41 2.12 -34.82
N PRO D 273 -2.60 3.46 -34.95
CA PRO D 273 -3.80 4.12 -34.41
C PRO D 273 -5.14 3.58 -34.92
N GLN D 274 -5.23 3.32 -36.23
CA GLN D 274 -6.45 2.78 -36.85
C GLN D 274 -6.88 1.40 -36.33
N ASP D 275 -5.93 0.60 -35.88
CA ASP D 275 -6.21 -0.75 -35.33
C ASP D 275 -6.65 -0.75 -33.86
N ARG D 276 -6.53 0.39 -33.18
CA ARG D 276 -7.02 0.53 -31.80
C ARG D 276 -8.54 0.67 -31.77
N PRO D 277 -9.19 0.13 -30.72
CA PRO D 277 -10.65 0.21 -30.65
C PRO D 277 -11.13 1.60 -30.30
N SER D 278 -12.32 1.96 -30.74
CA SER D 278 -12.97 3.20 -30.32
C SER D 278 -13.46 3.08 -28.88
N PHE D 279 -13.71 4.23 -28.24
CA PHE D 279 -14.34 4.26 -26.92
C PHE D 279 -15.78 3.71 -26.96
N SER D 280 -16.44 3.90 -28.10
CA SER D 280 -17.76 3.29 -28.36
C SER D 280 -17.73 1.76 -28.40
N ALA D 281 -16.63 1.19 -28.88
CA ALA D 281 -16.42 -0.27 -28.87
C ALA D 281 -15.92 -0.80 -27.51
N LEU D 282 -15.11 -0.02 -26.80
CA LEU D 282 -14.59 -0.43 -25.49
C LEU D 282 -15.65 -0.45 -24.38
N GLY D 283 -16.60 0.47 -24.45
CA GLY D 283 -17.63 0.64 -23.41
C GLY D 283 -18.43 -0.62 -23.09
N PRO D 284 -19.10 -1.20 -24.10
CA PRO D 284 -19.80 -2.48 -23.92
C PRO D 284 -18.88 -3.62 -23.49
N GLN D 285 -17.68 -3.68 -24.09
CA GLN D 285 -16.69 -4.69 -23.72
C GLN D 285 -16.31 -4.63 -22.24
N LEU D 286 -16.19 -3.41 -21.69
CA LEU D 286 -15.98 -3.21 -20.25
C LEU D 286 -17.22 -3.56 -19.41
N ASP D 287 -18.39 -3.06 -19.83
CA ASP D 287 -19.64 -3.27 -19.09
C ASP D 287 -20.05 -4.74 -19.01
N MET D 288 -19.93 -5.45 -20.12
CA MET D 288 -20.37 -6.84 -20.21
C MET D 288 -19.41 -7.88 -19.60
N LEU D 289 -18.24 -7.44 -19.12
CA LEU D 289 -17.33 -8.33 -18.39
C LEU D 289 -17.95 -8.78 -17.05
N TRP D 290 -18.13 -10.10 -16.94
CA TRP D 290 -18.65 -10.80 -15.73
C TRP D 290 -20.16 -10.72 -15.50
N SER D 291 -20.93 -10.57 -16.59
CA SER D 291 -22.39 -10.67 -16.53
C SER D 291 -22.90 -11.72 -17.51
C1 OV5 E . 31.18 14.87 50.38
C2 OV5 E . 32.14 14.35 49.30
C4 OV5 E . 32.15 14.15 46.84
C6 OV5 E . 31.59 14.44 45.51
C7 OV5 E . 30.21 14.58 45.28
C8 OV5 E . 29.77 14.84 44.01
N10 OV5 E . 31.98 14.78 43.19
C11 OV5 E . 32.45 14.55 44.40
C15 OV5 E . 32.78 15.69 39.02
C17 OV5 E . 30.73 16.29 38.17
C18 OV5 E . 29.67 16.76 37.21
C23 OV5 E . 34.22 15.52 38.76
C24 OV5 E . 35.17 16.36 39.37
C27 OV5 E . 36.93 15.18 38.22
CL30 OV5 E . 33.52 13.48 37.09
C29 OV5 E . 34.65 14.52 37.88
C28 OV5 E . 36.00 14.35 37.62
C26 OV5 E . 36.52 16.17 39.09
F25 OV5 E . 34.77 17.32 40.23
C14 OV5 E . 32.24 15.35 40.26
N16 OV5 E . 32.02 16.13 38.03
N19 OV5 E . 28.41 16.69 37.96
C20 OV5 E . 28.66 16.25 39.21
O21 OV5 E . 27.83 16.09 40.07
C22 OV5 E . 30.08 15.99 39.38
C13 OV5 E . 30.85 15.50 40.48
N12 OV5 E . 30.17 15.19 41.68
C9 OV5 E . 30.69 14.95 42.95
O5 OV5 E . 33.16 13.46 46.91
N3 OV5 E . 31.58 14.63 47.97
C1 OV5 F . 11.89 -23.04 -2.22
C2 OV5 F . 11.28 -21.90 -1.40
C4 OV5 F . 11.60 -21.05 0.91
C6 OV5 F . 12.44 -20.91 2.12
C7 OV5 F . 13.23 -21.99 2.59
C8 OV5 F . 13.99 -21.79 3.73
N10 OV5 F . 13.20 -19.58 3.92
C11 OV5 F . 12.46 -19.71 2.83
C15 OV5 F . 14.75 -17.00 7.07
C17 OV5 F . 16.40 -18.26 8.07
C18 OV5 F . 17.54 -18.65 8.98
C23 OV5 F . 14.08 -15.69 7.00
C24 OV5 F . 14.32 -14.84 5.92
C27 OV5 F . 12.81 -13.22 6.90
CL30 OV5 F . 12.91 -16.35 9.38
C29 OV5 F . 13.21 -15.30 8.04
C28 OV5 F . 12.58 -14.06 7.96
C26 OV5 F . 13.68 -13.60 5.88
F25 OV5 F . 15.15 -15.21 4.93
C14 OV5 F . 14.36 -18.06 6.24
N16 OV5 F . 15.74 -17.14 7.94
N19 OV5 F . 17.80 -20.04 8.66
C20 OV5 F . 16.98 -20.45 7.68
O21 OV5 F . 16.96 -21.57 7.21
C22 OV5 F . 16.09 -19.37 7.28
C13 OV5 F . 15.03 -19.30 6.32
N12 OV5 F . 14.74 -20.45 5.57
C9 OV5 F . 13.97 -20.56 4.39
O5 OV5 F . 10.49 -20.57 0.92
N3 OV5 F . 12.07 -21.72 -0.18
C1 OV5 G . -41.01 -12.99 -46.49
C2 OV5 G . -39.81 -12.18 -47.00
C4 OV5 G . -37.96 -11.19 -45.74
C6 OV5 G . -36.90 -11.23 -44.72
C7 OV5 G . -36.10 -12.38 -44.53
C8 OV5 G . -35.12 -12.36 -43.55
N10 OV5 G . -35.72 -10.16 -42.97
C11 OV5 G . -36.67 -10.13 -43.89
C15 OV5 G . -33.64 -7.88 -40.07
C17 OV5 G . -31.83 -9.17 -39.45
C18 OV5 G . -30.55 -9.60 -38.78
C23 OV5 G . -34.37 -6.60 -39.96
C24 OV5 G . -34.35 -5.67 -41.00
C27 OV5 G . -35.76 -4.19 -39.70
CL30 OV5 G . -35.14 -7.44 -37.48
C29 OV5 G . -35.09 -6.32 -38.80
C28 OV5 G . -35.78 -5.12 -38.68
C26 OV5 G . -35.05 -4.46 -40.86
F25 OV5 G . -33.67 -5.94 -42.12
C14 OV5 G . -34.16 -8.91 -40.87
N16 OV5 G . -32.51 -8.05 -39.40
N19 OV5 G . -30.31 -10.97 -39.22
C20 OV5 G . -31.29 -11.34 -40.06
O21 OV5 G . -31.38 -12.44 -40.58
C22 OV5 G . -32.27 -10.25 -40.24
C13 OV5 G . -33.48 -10.14 -40.99
N12 OV5 G . -33.93 -11.23 -41.76
C9 OV5 G . -34.93 -11.21 -42.76
O5 OV5 G . -38.16 -10.16 -46.36
N3 OV5 G . -38.75 -12.22 -45.99
C1 OV5 H . -6.69 13.96 0.70
C2 OV5 H . -6.09 15.19 0.01
C4 OV5 H . -6.65 16.68 -1.87
C6 OV5 H . -7.51 17.05 -3.01
C7 OV5 H . -8.89 17.29 -2.87
C8 OV5 H . -9.62 17.64 -3.99
N10 OV5 H . -7.68 17.54 -5.32
C11 OV5 H . -6.94 17.20 -4.28
C15 OV5 H . -7.71 19.06 -9.35
C17 OV5 H . -9.83 19.89 -9.65
C18 OV5 H . -11.00 20.58 -10.29
C23 OV5 H . -6.33 18.89 -9.87
C24 OV5 H . -5.27 19.64 -9.34
C27 OV5 H . -3.76 18.57 -10.89
CL30 OV5 H . -7.37 17.05 -11.61
C29 OV5 H . -6.10 17.99 -10.92
C28 OV5 H . -4.81 17.83 -11.43
C26 OV5 H . -4.00 19.47 -9.85
F25 OV5 H . -5.50 20.51 -8.34
C14 OV5 H . -8.05 18.51 -8.11
N16 OV5 H . -8.60 19.72 -10.07
N19 OV5 H . -12.12 20.42 -9.36
C20 OV5 H . -11.70 19.73 -8.28
O21 OV5 H . -12.42 19.45 -7.34
C22 OV5 H . -10.27 19.38 -8.41
C13 OV5 H . -9.36 18.65 -7.59
N12 OV5 H . -9.78 18.12 -6.36
C9 OV5 H . -9.00 17.78 -5.24
O5 OV5 H . -5.68 17.37 -1.60
N3 OV5 H . -6.94 15.59 -1.12
CL CL I . -20.36 23.36 -0.55
#